data_5T8G
#
_entry.id   5T8G
#
_cell.length_a   78.850
_cell.length_b   78.850
_cell.length_c   224.934
_cell.angle_alpha   90.00
_cell.angle_beta   90.00
_cell.angle_gamma   90.00
#
_symmetry.space_group_name_H-M   'P 43 21 2'
#
loop_
_entity.id
_entity.type
_entity.pdbx_description
1 polymer 'Malate synthase G'
2 non-polymer 'MAGNESIUM ION'
3 non-polymer '(3E)-2-oxo-4-[(thiophen-2-ylcarbonyl)oxy]but-3-enoic acid'
4 water water
#
_entity_poly.entity_id   1
_entity_poly.type   'polypeptide(L)'
_entity_poly.pdbx_seq_one_letter_code
;MTDRVSVGNLRIARVLYDFVNNEALPGTDIDPDSFWAGVDKVVADLTPQNQALLNARDELQAQIDKWHRRRVIEPIDMDA
YRQFLTEIGYLLPEPDDFTITTSGVDAEITTTAGPQLVVPVLNARFALNAANARWGSLYDALYGTDVIPETDGAEKGPTY
NKVRGDKVIAYARKFLDDSVPLSSGSFGDATGFTVQDGQLVVALPDKSTGLANPGQFAGYTGAAESPTSVLLINHGLHIE
ILIDPESQVGTTDRAGVKDVILESAITTIMDFEDSVAAVDAADKVLGYRNWLGLNKGDLAAAVDKDGTAFLRVLNRDRNY
TAPGGGQFTLPGRSLMFVRNVGHLMTNDAIVDTDGSEVFEGIMDALFTGLIAIHGLKASDVNGPLINSRTGSIYIVKPKM
HGPAEVAFTCELFSRVEDVLGLPQNTMKIGIMDEERRTTVNLKACIKAAADRVVFINTGFLDRTGDEIHTSMEAGPMVRK
GTMKSQPWILAYEDHNVDAGLAAGFSGRAQVGKGMWTMTELMADMVETKIAQPRAGASTAWVPSPTAATLHALHYHQVDV
AAVQQGLAGKRRATIEQLLTIPLAKELAWAPDEIREEVDNNCQSILGYVVRWVDQGVGASKVPDIHDVALMEDRATLRIS
SQLLANWLRHGVITSADVRASLERMAPLVDRQNAGDVAYRPMAPNFDDSIAFLAAQELILSGAQQPNGYTEPILHRRRRE
FKARAAEKPAPSDRAGDDAAR
;
_entity_poly.pdbx_strand_id   A
#
loop_
_chem_comp.id
_chem_comp.type
_chem_comp.name
_chem_comp.formula
4Z0 non-polymer '(3E)-2-oxo-4-[(thiophen-2-ylcarbonyl)oxy]but-3-enoic acid' 'C9 H6 O5 S'
MG non-polymer 'MAGNESIUM ION' 'Mg 2'
#
# COMPACT_ATOMS: atom_id res chain seq x y z
N THR A 2 -28.83 -4.02 -26.16
CA THR A 2 -27.53 -3.53 -25.69
C THR A 2 -26.38 -4.21 -26.42
N ASP A 3 -25.17 -3.94 -25.96
CA ASP A 3 -23.96 -4.59 -26.47
C ASP A 3 -23.53 -5.71 -25.51
N ARG A 4 -24.31 -5.91 -24.45
CA ARG A 4 -23.99 -6.88 -23.39
C ARG A 4 -24.23 -8.35 -23.74
N VAL A 5 -23.55 -9.24 -23.01
CA VAL A 5 -23.67 -10.68 -23.22
C VAL A 5 -24.51 -11.31 -22.11
N SER A 6 -25.53 -12.08 -22.48
CA SER A 6 -26.40 -12.68 -21.48
C SER A 6 -25.86 -14.02 -20.98
N VAL A 7 -25.65 -14.11 -19.67
CA VAL A 7 -25.26 -15.35 -19.02
C VAL A 7 -26.14 -15.48 -17.78
N GLY A 8 -27.12 -16.39 -17.84
CA GLY A 8 -28.07 -16.53 -16.77
C GLY A 8 -28.76 -15.21 -16.47
N ASN A 9 -28.68 -14.77 -15.21
CA ASN A 9 -29.26 -13.49 -14.79
C ASN A 9 -28.36 -12.29 -15.08
N LEU A 10 -27.18 -12.54 -15.64
CA LEU A 10 -26.20 -11.47 -15.80
C LEU A 10 -26.15 -10.92 -17.22
N ARG A 11 -25.84 -9.64 -17.33
CA ARG A 11 -25.60 -8.99 -18.61
C ARG A 11 -24.21 -8.34 -18.56
N ILE A 12 -23.25 -8.98 -19.23
CA ILE A 12 -21.83 -8.65 -19.12
C ILE A 12 -21.36 -7.74 -20.26
N ALA A 13 -20.67 -6.66 -19.92
CA ALA A 13 -20.16 -5.74 -20.94
C ALA A 13 -19.32 -6.52 -21.93
N ARG A 14 -19.53 -6.26 -23.23
CA ARG A 14 -18.85 -7.04 -24.26
C ARG A 14 -17.34 -6.98 -24.10
N VAL A 15 -16.83 -5.79 -23.75
CA VAL A 15 -15.38 -5.60 -23.66
C VAL A 15 -14.78 -6.48 -22.58
N LEU A 16 -15.54 -6.70 -21.51
CA LEU A 16 -15.12 -7.58 -20.43
C LEU A 16 -15.24 -9.05 -20.85
N TYR A 17 -16.36 -9.39 -21.49
CA TYR A 17 -16.59 -10.76 -21.95
C TYR A 17 -15.48 -11.20 -22.90
N ASP A 18 -15.15 -10.36 -23.88
CA ASP A 18 -14.11 -10.67 -24.84
C ASP A 18 -12.72 -10.76 -24.19
N PHE A 19 -12.40 -9.80 -23.32
CA PHE A 19 -11.10 -9.84 -22.65
C PHE A 19 -10.92 -11.18 -21.92
N VAL A 20 -11.94 -11.59 -21.18
CA VAL A 20 -11.84 -12.84 -20.42
C VAL A 20 -11.71 -14.07 -21.32
N ASN A 21 -12.50 -14.13 -22.39
CA ASN A 21 -12.46 -15.29 -23.28
C ASN A 21 -11.21 -15.36 -24.13
N ASN A 22 -10.78 -14.21 -24.64
CA ASN A 22 -9.66 -14.14 -25.55
C ASN A 22 -8.30 -14.05 -24.89
N GLU A 23 -8.24 -13.48 -23.69
CA GLU A 23 -6.96 -13.19 -23.05
C GLU A 23 -6.77 -13.88 -21.71
N ALA A 24 -7.77 -13.84 -20.85
CA ALA A 24 -7.60 -14.37 -19.51
C ALA A 24 -7.79 -15.89 -19.40
N LEU A 25 -8.75 -16.43 -20.15
CA LEU A 25 -9.03 -17.87 -20.04
C LEU A 25 -8.03 -18.81 -20.74
N PRO A 26 -7.52 -18.44 -21.93
CA PRO A 26 -6.62 -19.41 -22.61
C PRO A 26 -5.36 -19.71 -21.81
N GLY A 27 -5.08 -20.99 -21.60
CA GLY A 27 -3.90 -21.40 -20.86
C GLY A 27 -4.20 -21.80 -19.42
N THR A 28 -5.41 -21.57 -18.96
CA THR A 28 -5.79 -21.92 -17.58
C THR A 28 -6.45 -23.30 -17.52
N ASP A 29 -6.90 -23.79 -18.68
CA ASP A 29 -7.64 -25.04 -18.78
C ASP A 29 -8.99 -25.03 -18.03
N ILE A 30 -9.54 -23.84 -17.80
CA ILE A 30 -10.90 -23.75 -17.29
C ILE A 30 -11.87 -23.65 -18.46
N ASP A 31 -12.89 -24.51 -18.46
CA ASP A 31 -13.93 -24.47 -19.48
C ASP A 31 -14.64 -23.12 -19.44
N PRO A 32 -14.57 -22.36 -20.55
CA PRO A 32 -15.16 -21.02 -20.61
C PRO A 32 -16.62 -20.97 -20.16
N ASP A 33 -17.48 -21.84 -20.69
CA ASP A 33 -18.89 -21.81 -20.31
C ASP A 33 -19.07 -22.11 -18.81
N SER A 34 -18.24 -22.99 -18.27
CA SER A 34 -18.28 -23.33 -16.86
C SER A 34 -17.77 -22.19 -15.98
N PHE A 35 -16.79 -21.44 -16.49
CA PHE A 35 -16.36 -20.23 -15.82
C PHE A 35 -17.53 -19.26 -15.67
N TRP A 36 -18.18 -18.95 -16.79
CA TRP A 36 -19.26 -17.97 -16.81
C TRP A 36 -20.50 -18.39 -16.00
N ALA A 37 -20.85 -19.68 -16.07
CA ALA A 37 -21.91 -20.21 -15.20
C ALA A 37 -21.51 -20.05 -13.72
N GLY A 38 -20.22 -20.21 -13.45
CA GLY A 38 -19.69 -20.00 -12.10
C GLY A 38 -19.88 -18.57 -11.64
N VAL A 39 -19.54 -17.61 -12.50
CA VAL A 39 -19.74 -16.18 -12.22
C VAL A 39 -21.20 -15.89 -11.86
N ASP A 40 -22.11 -16.30 -12.74
CA ASP A 40 -23.54 -16.12 -12.53
C ASP A 40 -23.99 -16.67 -11.18
N LYS A 41 -23.53 -17.87 -10.84
CA LYS A 41 -23.94 -18.53 -9.61
C LYS A 41 -23.33 -17.91 -8.35
N VAL A 42 -22.02 -17.61 -8.38
CA VAL A 42 -21.37 -16.96 -7.24
C VAL A 42 -22.01 -15.60 -6.97
N VAL A 43 -22.25 -14.82 -8.03
CA VAL A 43 -22.91 -13.53 -7.87
C VAL A 43 -24.32 -13.70 -7.29
N ALA A 44 -25.08 -14.65 -7.83
CA ALA A 44 -26.45 -14.85 -7.33
C ALA A 44 -26.45 -15.26 -5.85
N ASP A 45 -25.57 -16.19 -5.50
CA ASP A 45 -25.52 -16.74 -4.15
C ASP A 45 -24.99 -15.78 -3.07
N LEU A 46 -24.02 -14.93 -3.41
CA LEU A 46 -23.33 -14.11 -2.39
C LEU A 46 -23.80 -12.67 -2.30
N THR A 47 -24.43 -12.18 -3.37
CA THR A 47 -24.95 -10.82 -3.37
C THR A 47 -25.85 -10.47 -2.16
N PRO A 48 -26.80 -11.37 -1.79
CA PRO A 48 -27.63 -11.02 -0.64
C PRO A 48 -26.83 -10.79 0.64
N GLN A 49 -25.89 -11.68 0.96
CA GLN A 49 -25.09 -11.52 2.18
C GLN A 49 -24.21 -10.27 2.10
N ASN A 50 -23.66 -10.00 0.92
CA ASN A 50 -22.91 -8.76 0.69
C ASN A 50 -23.74 -7.53 1.06
N GLN A 51 -25.01 -7.51 0.63
CA GLN A 51 -25.89 -6.37 0.93
C GLN A 51 -26.28 -6.33 2.42
N ALA A 52 -26.51 -7.51 3.01
CA ALA A 52 -26.85 -7.60 4.43
C ALA A 52 -25.73 -7.02 5.31
N LEU A 53 -24.48 -7.27 4.89
CA LEU A 53 -23.33 -6.77 5.64
C LEU A 53 -23.28 -5.24 5.55
N LEU A 54 -23.53 -4.70 4.36
CA LEU A 54 -23.56 -3.26 4.16
C LEU A 54 -24.70 -2.58 4.95
N ASN A 55 -25.88 -3.20 4.96
CA ASN A 55 -26.97 -2.68 5.80
C ASN A 55 -26.62 -2.71 7.27
N ALA A 56 -25.85 -3.73 7.68
CA ALA A 56 -25.45 -3.85 9.08
C ALA A 56 -24.52 -2.72 9.50
N ARG A 57 -23.64 -2.30 8.61
CA ARG A 57 -22.80 -1.14 8.91
C ARG A 57 -23.71 0.06 9.23
N ASP A 58 -24.73 0.24 8.39
CA ASP A 58 -25.66 1.37 8.51
C ASP A 58 -26.42 1.36 9.83
N GLU A 59 -26.97 0.20 10.20
CA GLU A 59 -27.71 0.05 11.46
C GLU A 59 -26.84 0.41 12.66
N LEU A 60 -25.60 -0.07 12.63
CA LEU A 60 -24.67 0.20 13.75
C LEU A 60 -24.37 1.68 13.84
N GLN A 61 -24.06 2.30 12.70
CA GLN A 61 -23.71 3.71 12.69
C GLN A 61 -24.88 4.60 13.16
N ALA A 62 -26.10 4.24 12.76
CA ALA A 62 -27.27 5.01 13.19
C ALA A 62 -27.43 4.96 14.71
N GLN A 63 -27.20 3.78 15.29
CA GLN A 63 -27.27 3.60 16.75
C GLN A 63 -26.19 4.41 17.49
N ILE A 64 -24.99 4.46 16.94
CA ILE A 64 -23.92 5.25 17.56
C ILE A 64 -24.23 6.73 17.41
N ASP A 65 -24.69 7.13 16.22
CA ASP A 65 -25.08 8.52 15.97
C ASP A 65 -26.09 8.96 17.04
N LYS A 66 -27.09 8.12 17.27
CA LYS A 66 -28.17 8.40 18.21
C LYS A 66 -27.66 8.45 19.66
N TRP A 67 -26.73 7.57 19.99
CA TRP A 67 -26.16 7.51 21.34
C TRP A 67 -25.50 8.83 21.72
N HIS A 68 -24.73 9.40 20.80
CA HIS A 68 -24.06 10.68 21.05
C HIS A 68 -25.08 11.82 21.17
N ARG A 69 -26.11 11.79 20.32
CA ARG A 69 -27.09 12.86 20.28
C ARG A 69 -27.97 12.95 21.53
N ARG A 70 -28.19 11.83 22.20
CA ARG A 70 -29.13 11.80 23.34
C ARG A 70 -28.45 12.15 24.66
N ARG A 71 -27.16 12.43 24.59
CA ARG A 71 -26.39 12.69 25.80
C ARG A 71 -25.75 14.07 25.80
N VAL A 72 -25.62 14.64 27.00
CA VAL A 72 -25.16 16.01 27.19
C VAL A 72 -23.84 16.02 27.97
N ILE A 73 -23.62 14.97 28.76
CA ILE A 73 -22.44 14.85 29.62
C ILE A 73 -21.12 14.97 28.84
N GLU A 74 -20.38 16.05 29.09
CA GLU A 74 -19.21 16.38 28.29
C GLU A 74 -18.06 15.35 28.35
N PRO A 75 -17.50 15.08 29.55
CA PRO A 75 -16.51 14.01 29.52
C PRO A 75 -17.15 12.64 29.28
N ILE A 76 -16.78 12.01 28.17
CA ILE A 76 -17.33 10.71 27.79
C ILE A 76 -17.12 9.63 28.86
N ASP A 77 -18.19 8.95 29.26
CA ASP A 77 -18.07 7.80 30.18
C ASP A 77 -17.68 6.54 29.41
N MET A 78 -16.45 6.08 29.60
CA MET A 78 -15.93 4.95 28.83
C MET A 78 -16.63 3.63 29.17
N ASP A 79 -16.98 3.42 30.43
CA ASP A 79 -17.66 2.20 30.83
C ASP A 79 -19.02 2.07 30.15
N ALA A 80 -19.73 3.21 30.05
CA ALA A 80 -21.03 3.24 29.43
C ALA A 80 -20.91 3.06 27.92
N TYR A 81 -19.93 3.76 27.35
CA TYR A 81 -19.68 3.69 25.92
C TYR A 81 -19.35 2.27 25.46
N ARG A 82 -18.48 1.57 26.20
CA ARG A 82 -18.11 0.19 25.84
C ARG A 82 -19.29 -0.74 25.99
N GLN A 83 -20.02 -0.57 27.09
CA GLN A 83 -21.18 -1.40 27.36
C GLN A 83 -22.17 -1.25 26.23
N PHE A 84 -22.33 -0.02 25.76
CA PHE A 84 -23.21 0.25 24.65
C PHE A 84 -22.73 -0.48 23.39
N LEU A 85 -21.48 -0.26 23.02
CA LEU A 85 -20.91 -0.88 21.82
C LEU A 85 -21.02 -2.40 21.83
N THR A 86 -20.88 -2.99 23.03
CA THR A 86 -21.02 -4.42 23.21
C THR A 86 -22.47 -4.85 23.00
N GLU A 87 -23.39 -4.09 23.57
CA GLU A 87 -24.81 -4.42 23.51
C GLU A 87 -25.34 -4.49 22.08
N ILE A 88 -24.89 -3.56 21.24
CA ILE A 88 -25.38 -3.46 19.87
C ILE A 88 -24.64 -4.39 18.92
N GLY A 89 -23.57 -5.00 19.40
CA GLY A 89 -22.85 -5.98 18.59
C GLY A 89 -21.72 -5.37 17.76
N TYR A 90 -21.27 -4.19 18.16
CA TYR A 90 -20.15 -3.51 17.50
C TYR A 90 -18.86 -4.11 18.02
N LEU A 91 -18.80 -4.23 19.33
CA LEU A 91 -17.65 -4.77 20.03
C LEU A 91 -17.95 -6.21 20.38
N LEU A 92 -17.29 -7.15 19.73
CA LEU A 92 -17.61 -8.57 19.92
C LEU A 92 -16.63 -9.18 20.92
N PRO A 93 -17.04 -10.28 21.57
CA PRO A 93 -16.10 -10.89 22.52
C PRO A 93 -14.80 -11.35 21.85
N GLU A 94 -13.71 -11.31 22.61
CA GLU A 94 -12.40 -11.74 22.15
C GLU A 94 -12.32 -13.25 22.21
N PRO A 95 -11.86 -13.88 21.11
CA PRO A 95 -11.75 -15.35 21.11
C PRO A 95 -10.53 -15.80 21.91
N ASP A 96 -10.48 -17.08 22.26
CA ASP A 96 -9.33 -17.62 22.96
C ASP A 96 -8.10 -17.60 22.06
N ASP A 97 -6.92 -17.56 22.66
CA ASP A 97 -5.66 -17.59 21.92
C ASP A 97 -5.66 -18.69 20.86
N PHE A 98 -4.96 -18.45 19.75
CA PHE A 98 -4.87 -19.44 18.68
C PHE A 98 -3.64 -19.11 17.84
N THR A 99 -3.23 -20.04 16.98
CA THR A 99 -2.13 -19.81 16.05
C THR A 99 -2.68 -19.97 14.63
N ILE A 100 -2.27 -19.09 13.72
CA ILE A 100 -2.75 -19.20 12.34
C ILE A 100 -2.15 -20.45 11.68
N THR A 101 -2.85 -20.99 10.70
CA THR A 101 -2.43 -22.24 10.06
C THR A 101 -2.15 -22.06 8.58
N THR A 102 -2.11 -20.82 8.12
CA THR A 102 -1.87 -20.53 6.69
C THR A 102 -0.61 -21.21 6.15
N SER A 103 -0.76 -22.00 5.08
CA SER A 103 0.39 -22.70 4.50
C SER A 103 0.50 -22.56 3.00
N GLY A 104 1.64 -22.99 2.43
CA GLY A 104 1.89 -22.82 1.01
C GLY A 104 2.25 -21.38 0.65
N VAL A 105 2.80 -20.67 1.63
CA VAL A 105 3.17 -19.25 1.46
C VAL A 105 4.66 -19.09 1.17
N ASP A 106 5.00 -18.15 0.28
CA ASP A 106 6.37 -17.94 -0.15
C ASP A 106 7.22 -17.32 0.97
N ALA A 107 8.53 -17.49 0.89
CA ALA A 107 9.46 -17.01 1.91
C ALA A 107 9.46 -15.48 2.08
N GLU A 108 9.25 -14.77 0.97
CA GLU A 108 9.20 -13.30 0.99
C GLU A 108 8.16 -12.79 1.98
N ILE A 109 7.15 -13.61 2.24
CA ILE A 109 6.07 -13.24 3.14
C ILE A 109 6.23 -13.85 4.53
N THR A 110 6.58 -15.13 4.61
CA THR A 110 6.66 -15.79 5.91
C THR A 110 7.87 -15.34 6.72
N THR A 111 8.97 -15.05 6.03
CA THR A 111 10.28 -14.98 6.65
C THR A 111 10.98 -13.63 6.44
N THR A 112 11.03 -13.16 5.20
CA THR A 112 11.80 -11.94 4.90
C THR A 112 11.10 -10.67 5.41
N ALA A 113 11.85 -9.85 6.15
CA ALA A 113 11.38 -8.53 6.56
C ALA A 113 11.96 -7.45 5.65
N GLY A 114 11.11 -6.65 5.04
CA GLY A 114 11.57 -5.59 4.16
C GLY A 114 10.43 -4.78 3.56
N PRO A 115 10.78 -3.78 2.73
CA PRO A 115 9.77 -2.86 2.17
C PRO A 115 8.71 -3.56 1.33
N GLN A 116 7.50 -3.00 1.30
CA GLN A 116 6.42 -3.49 0.45
C GLN A 116 5.97 -2.29 -0.36
N LEU A 117 6.01 -2.41 -1.68
CA LEU A 117 5.74 -1.29 -2.58
C LEU A 117 4.32 -1.42 -3.13
N VAL A 118 3.59 -0.31 -3.19
CA VAL A 118 2.22 -0.35 -3.69
C VAL A 118 2.10 0.61 -4.86
N VAL A 119 1.58 0.12 -5.98
CA VAL A 119 1.44 0.95 -7.18
C VAL A 119 0.11 0.72 -7.88
N PRO A 120 -0.39 1.77 -8.56
CA PRO A 120 -1.63 1.65 -9.36
C PRO A 120 -1.50 0.68 -10.53
N VAL A 121 -2.38 -0.32 -10.58
CA VAL A 121 -2.29 -1.36 -11.61
C VAL A 121 -2.63 -0.82 -13.00
N LEU A 122 -3.27 0.35 -13.04
CA LEU A 122 -3.68 0.95 -14.31
C LEU A 122 -2.50 1.61 -15.06
N ASN A 123 -1.42 1.90 -14.35
CA ASN A 123 -0.24 2.49 -14.97
C ASN A 123 0.81 1.41 -15.26
N ALA A 124 0.80 0.92 -16.50
CA ALA A 124 1.64 -0.21 -16.89
C ALA A 124 3.12 0.06 -16.63
N ARG A 125 3.57 1.27 -16.90
CA ARG A 125 5.00 1.52 -16.69
C ARG A 125 5.38 1.53 -15.21
N PHE A 126 4.53 2.11 -14.35
CA PHE A 126 4.78 2.09 -12.91
C PHE A 126 4.72 0.67 -12.35
N ALA A 127 3.76 -0.12 -12.83
CA ALA A 127 3.64 -1.52 -12.43
C ALA A 127 4.90 -2.29 -12.77
N LEU A 128 5.38 -2.11 -14.01
CA LEU A 128 6.60 -2.76 -14.47
C LEU A 128 7.82 -2.36 -13.62
N ASN A 129 7.99 -1.06 -13.38
CA ASN A 129 9.07 -0.61 -12.51
C ASN A 129 8.99 -1.20 -11.11
N ALA A 130 7.76 -1.37 -10.61
CA ALA A 130 7.55 -1.93 -9.28
C ALA A 130 7.95 -3.41 -9.23
N ALA A 131 7.47 -4.17 -10.21
CA ALA A 131 7.82 -5.57 -10.32
C ALA A 131 9.34 -5.74 -10.34
N ASN A 132 10.04 -4.84 -11.04
CA ASN A 132 11.50 -4.86 -11.16
C ASN A 132 12.24 -4.24 -9.96
N ALA A 133 11.49 -3.68 -9.03
CA ALA A 133 12.06 -2.93 -7.91
C ALA A 133 12.65 -3.81 -6.81
N ARG A 134 12.63 -5.13 -7.01
CA ARG A 134 13.21 -6.08 -6.06
C ARG A 134 14.68 -5.74 -5.81
N TRP A 135 15.36 -5.29 -6.85
CA TRP A 135 16.73 -4.80 -6.68
C TRP A 135 16.80 -3.36 -7.14
N GLY A 136 17.54 -2.54 -6.41
CA GLY A 136 17.66 -1.13 -6.75
C GLY A 136 19.00 -0.57 -6.35
N SER A 137 19.47 0.43 -7.10
CA SER A 137 20.78 1.04 -6.89
C SER A 137 20.76 1.98 -5.68
N LEU A 138 21.60 1.71 -4.68
CA LEU A 138 21.70 2.62 -3.53
C LEU A 138 22.33 3.94 -3.95
N TYR A 139 23.30 3.90 -4.87
CA TYR A 139 23.96 5.14 -5.29
C TYR A 139 22.97 6.08 -5.97
N ASP A 140 22.12 5.54 -6.85
CA ASP A 140 21.12 6.37 -7.51
C ASP A 140 20.15 6.93 -6.48
N ALA A 141 19.75 6.10 -5.53
CA ALA A 141 18.80 6.52 -4.49
C ALA A 141 19.37 7.64 -3.62
N LEU A 142 20.67 7.57 -3.33
CA LEU A 142 21.32 8.59 -2.51
C LEU A 142 21.63 9.85 -3.31
N TYR A 143 22.19 9.70 -4.51
CA TYR A 143 22.58 10.86 -5.31
C TYR A 143 21.36 11.66 -5.72
N GLY A 144 20.30 10.93 -6.10
CA GLY A 144 19.11 11.53 -6.65
C GLY A 144 18.16 12.18 -5.66
N THR A 145 18.30 11.89 -4.37
CA THR A 145 17.38 12.44 -3.36
C THR A 145 18.09 13.34 -2.36
N ASP A 146 17.33 13.90 -1.43
CA ASP A 146 17.89 14.79 -0.42
C ASP A 146 18.51 14.03 0.77
N VAL A 147 18.60 12.70 0.69
CA VAL A 147 19.29 11.96 1.75
C VAL A 147 20.73 12.46 1.87
N ILE A 148 21.36 12.73 0.74
CA ILE A 148 22.61 13.50 0.76
C ILE A 148 22.20 14.96 0.55
N PRO A 149 22.33 15.78 1.61
CA PRO A 149 21.87 17.18 1.54
C PRO A 149 22.49 17.94 0.35
N GLU A 150 21.68 18.77 -0.29
CA GLU A 150 22.18 19.63 -1.37
C GLU A 150 22.76 20.92 -0.79
N THR A 151 23.77 20.76 0.04
CA THR A 151 24.44 21.91 0.64
C THR A 151 25.31 22.58 -0.42
N ASP A 152 25.90 23.72 -0.06
CA ASP A 152 26.81 24.42 -0.94
C ASP A 152 27.90 23.46 -1.44
N GLY A 153 28.10 23.41 -2.75
CA GLY A 153 29.12 22.54 -3.31
C GLY A 153 28.66 21.13 -3.70
N ALA A 154 27.58 20.65 -3.10
CA ALA A 154 27.10 19.29 -3.36
C ALA A 154 25.72 19.25 -4.00
N GLU A 155 25.35 20.31 -4.68
CA GLU A 155 24.03 20.36 -5.32
C GLU A 155 24.04 19.56 -6.62
N LYS A 156 22.89 18.98 -6.94
CA LYS A 156 22.76 18.25 -8.19
C LYS A 156 22.70 19.26 -9.33
N GLY A 157 23.38 18.94 -10.43
CA GLY A 157 23.35 19.76 -11.63
C GLY A 157 22.79 18.95 -12.77
N PRO A 158 23.05 19.39 -14.02
CA PRO A 158 22.65 18.57 -15.17
C PRO A 158 23.68 17.46 -15.42
N THR A 159 24.89 17.64 -14.88
CA THR A 159 25.95 16.63 -14.98
C THR A 159 26.55 16.25 -13.62
N TYR A 160 27.32 15.17 -13.63
CA TYR A 160 27.86 14.54 -12.41
C TYR A 160 28.70 15.47 -11.54
N ASN A 161 28.25 15.65 -10.29
CA ASN A 161 28.99 16.43 -9.29
C ASN A 161 29.81 15.47 -8.44
N LYS A 162 31.13 15.49 -8.61
CA LYS A 162 32.03 14.56 -7.91
C LYS A 162 32.01 14.76 -6.40
N VAL A 163 31.82 15.99 -5.95
CA VAL A 163 31.71 16.27 -4.53
C VAL A 163 30.49 15.55 -3.95
N ARG A 164 29.37 15.61 -4.66
CA ARG A 164 28.15 14.94 -4.22
C ARG A 164 28.37 13.42 -4.28
N GLY A 165 28.96 12.96 -5.38
CA GLY A 165 29.27 11.55 -5.56
C GLY A 165 30.15 10.95 -4.47
N ASP A 166 31.14 11.70 -4.01
CA ASP A 166 31.98 11.21 -2.92
C ASP A 166 31.20 11.07 -1.61
N LYS A 167 30.23 11.96 -1.38
CA LYS A 167 29.39 11.83 -0.21
C LYS A 167 28.51 10.57 -0.32
N VAL A 168 28.03 10.30 -1.54
CA VAL A 168 27.24 9.09 -1.77
C VAL A 168 28.08 7.88 -1.41
N ILE A 169 29.28 7.80 -1.98
CA ILE A 169 30.17 6.69 -1.69
C ILE A 169 30.46 6.50 -0.20
N ALA A 170 30.74 7.60 0.49
CA ALA A 170 30.99 7.55 1.93
C ALA A 170 29.79 7.08 2.74
N TYR A 171 28.60 7.59 2.39
CA TYR A 171 27.38 7.13 3.05
C TYR A 171 27.26 5.61 2.89
N ALA A 172 27.52 5.12 1.69
CA ALA A 172 27.37 3.69 1.39
C ALA A 172 28.43 2.83 2.09
N ARG A 173 29.64 3.36 2.20
CA ARG A 173 30.71 2.64 2.89
C ARG A 173 30.34 2.49 4.37
N LYS A 174 29.80 3.55 4.95
CA LYS A 174 29.38 3.49 6.34
C LYS A 174 28.25 2.47 6.55
N PHE A 175 27.28 2.45 5.63
CA PHE A 175 26.22 1.45 5.66
C PHE A 175 26.81 0.03 5.65
N LEU A 176 27.84 -0.17 4.83
CA LEU A 176 28.50 -1.46 4.76
C LEU A 176 29.17 -1.84 6.09
N ASP A 177 29.91 -0.91 6.69
CA ASP A 177 30.53 -1.16 8.00
C ASP A 177 29.48 -1.50 9.03
N ASP A 178 28.35 -0.79 8.98
CA ASP A 178 27.30 -0.99 9.96
C ASP A 178 26.56 -2.31 9.70
N SER A 179 26.47 -2.73 8.44
CA SER A 179 25.66 -3.91 8.12
C SER A 179 26.44 -5.23 8.04
N VAL A 180 27.63 -5.19 7.44
CA VAL A 180 28.43 -6.39 7.21
C VAL A 180 29.86 -6.09 7.65
N PRO A 181 30.08 -5.97 8.97
CA PRO A 181 31.34 -5.45 9.53
C PRO A 181 32.57 -6.28 9.14
N LEU A 182 33.68 -5.61 8.89
CA LEU A 182 34.95 -6.31 8.68
C LEU A 182 35.49 -6.78 10.02
N SER A 183 36.30 -7.84 10.00
CA SER A 183 36.98 -8.32 11.19
C SER A 183 37.82 -7.21 11.81
N SER A 184 38.53 -6.47 10.96
CA SER A 184 39.21 -5.25 11.38
C SER A 184 39.16 -4.21 10.27
N GLY A 185 39.25 -2.94 10.63
CA GLY A 185 39.20 -1.87 9.65
C GLY A 185 37.81 -1.59 9.10
N SER A 186 37.76 -0.70 8.12
CA SER A 186 36.49 -0.24 7.57
C SER A 186 36.46 -0.43 6.06
N PHE A 187 35.28 -0.68 5.51
CA PHE A 187 35.10 -0.72 4.05
C PHE A 187 35.58 0.56 3.39
N GLY A 188 35.61 1.66 4.16
CA GLY A 188 36.08 2.93 3.64
C GLY A 188 37.50 2.84 3.10
N ASP A 189 38.29 1.93 3.67
CA ASP A 189 39.69 1.79 3.30
C ASP A 189 40.00 0.57 2.41
N ALA A 190 38.95 -0.06 1.88
CA ALA A 190 39.15 -1.22 1.00
C ALA A 190 39.85 -0.84 -0.30
N THR A 191 40.71 -1.73 -0.78
CA THR A 191 41.41 -1.49 -2.03
C THR A 191 41.06 -2.56 -3.05
N GLY A 192 40.42 -3.63 -2.59
CA GLY A 192 40.01 -4.69 -3.50
C GLY A 192 39.27 -5.84 -2.82
N PHE A 193 38.66 -6.68 -3.64
CA PHE A 193 37.93 -7.84 -3.13
C PHE A 193 38.38 -9.12 -3.87
N THR A 194 38.69 -10.16 -3.13
CA THR A 194 38.99 -11.47 -3.72
C THR A 194 38.29 -12.57 -2.96
N VAL A 195 38.09 -13.71 -3.61
CA VAL A 195 37.56 -14.89 -2.92
C VAL A 195 38.64 -15.97 -2.88
N GLN A 196 39.00 -16.41 -1.68
CA GLN A 196 40.03 -17.43 -1.54
C GLN A 196 39.55 -18.50 -0.55
N ASP A 197 39.60 -19.76 -0.98
CA ASP A 197 39.11 -20.90 -0.20
C ASP A 197 37.68 -20.69 0.30
N GLY A 198 36.80 -20.23 -0.59
CA GLY A 198 35.41 -19.98 -0.25
C GLY A 198 35.19 -18.86 0.75
N GLN A 199 36.21 -18.02 0.95
CA GLN A 199 36.15 -16.94 1.94
C GLN A 199 36.35 -15.59 1.27
N LEU A 200 35.59 -14.58 1.68
CA LEU A 200 35.78 -13.23 1.12
C LEU A 200 36.98 -12.54 1.74
N VAL A 201 37.88 -12.04 0.91
CA VAL A 201 39.04 -11.32 1.42
C VAL A 201 38.97 -9.87 0.95
N VAL A 202 38.97 -8.95 1.91
CA VAL A 202 38.96 -7.53 1.60
C VAL A 202 40.36 -6.99 1.81
N ALA A 203 40.92 -6.35 0.79
CA ALA A 203 42.26 -5.79 0.90
C ALA A 203 42.20 -4.39 1.52
N LEU A 204 43.02 -4.17 2.55
CA LEU A 204 43.17 -2.85 3.15
C LEU A 204 44.52 -2.28 2.70
N PRO A 205 44.84 -1.02 3.08
CA PRO A 205 46.14 -0.51 2.59
C PRO A 205 47.33 -1.27 3.17
N ASP A 206 47.22 -1.67 4.43
CA ASP A 206 48.32 -2.26 5.17
C ASP A 206 48.20 -3.77 5.35
N LYS A 207 46.99 -4.28 5.16
CA LYS A 207 46.73 -5.69 5.39
C LYS A 207 45.50 -6.19 4.65
N SER A 208 45.10 -7.42 4.97
CA SER A 208 43.86 -7.98 4.47
C SER A 208 43.03 -8.44 5.65
N THR A 209 41.73 -8.62 5.40
CA THR A 209 40.81 -9.03 6.46
C THR A 209 39.62 -9.70 5.81
N GLY A 210 38.90 -10.50 6.59
CA GLY A 210 37.64 -11.08 6.13
C GLY A 210 36.51 -10.40 6.89
N LEU A 211 35.33 -10.99 6.83
CA LEU A 211 34.17 -10.46 7.55
C LEU A 211 34.20 -10.92 9.01
N ALA A 212 33.68 -10.10 9.91
CA ALA A 212 33.56 -10.48 11.32
C ALA A 212 32.69 -11.72 11.41
N ASN A 213 31.70 -11.78 10.52
CA ASN A 213 30.83 -12.94 10.39
C ASN A 213 30.87 -13.45 8.95
N PRO A 214 31.75 -14.43 8.69
CA PRO A 214 31.98 -14.92 7.33
C PRO A 214 30.71 -15.44 6.67
N GLY A 215 29.70 -15.80 7.48
CA GLY A 215 28.45 -16.31 6.95
C GLY A 215 27.63 -15.27 6.19
N GLN A 216 28.02 -14.00 6.31
CA GLN A 216 27.35 -12.93 5.58
C GLN A 216 27.80 -12.86 4.12
N PHE A 217 28.84 -13.64 3.79
CA PHE A 217 29.30 -13.75 2.40
C PHE A 217 28.40 -14.72 1.66
N ALA A 218 27.62 -14.20 0.72
CA ALA A 218 26.61 -15.01 0.05
C ALA A 218 27.02 -15.49 -1.33
N GLY A 219 27.99 -14.81 -1.95
CA GLY A 219 28.40 -15.19 -3.29
C GLY A 219 29.09 -14.09 -4.06
N TYR A 220 29.28 -14.30 -5.36
CA TYR A 220 29.96 -13.34 -6.20
C TYR A 220 29.68 -13.62 -7.67
N THR A 221 30.06 -12.69 -8.54
CA THR A 221 30.03 -12.96 -9.98
C THR A 221 31.43 -12.76 -10.53
N GLY A 222 31.69 -13.31 -11.72
CA GLY A 222 33.02 -13.27 -12.29
C GLY A 222 34.00 -14.19 -11.58
N ALA A 223 35.28 -13.99 -11.82
CA ALA A 223 36.34 -14.87 -11.31
C ALA A 223 36.66 -14.57 -9.85
N ALA A 224 36.80 -15.62 -9.05
CA ALA A 224 37.08 -15.48 -7.61
C ALA A 224 38.26 -14.56 -7.30
N GLU A 225 39.21 -14.46 -8.23
CA GLU A 225 40.44 -13.71 -8.01
C GLU A 225 40.41 -12.29 -8.58
N SER A 226 39.31 -11.94 -9.23
CA SER A 226 39.04 -10.56 -9.65
C SER A 226 37.54 -10.46 -9.97
N PRO A 227 36.68 -10.68 -8.96
CA PRO A 227 35.23 -10.77 -9.18
C PRO A 227 34.66 -9.48 -9.71
N THR A 228 33.53 -9.56 -10.41
CA THR A 228 32.89 -8.37 -10.95
C THR A 228 31.89 -7.82 -9.93
N SER A 229 31.48 -8.68 -9.01
CA SER A 229 30.62 -8.24 -7.91
C SER A 229 30.74 -9.20 -6.75
N VAL A 230 30.41 -8.70 -5.56
CA VAL A 230 30.42 -9.48 -4.33
C VAL A 230 29.03 -9.40 -3.68
N LEU A 231 28.46 -10.55 -3.35
CA LEU A 231 27.12 -10.61 -2.78
C LEU A 231 27.18 -10.86 -1.28
N LEU A 232 26.52 -10.00 -0.51
CA LEU A 232 26.45 -10.17 0.94
C LEU A 232 25.00 -10.33 1.37
N ILE A 233 24.79 -10.78 2.61
CA ILE A 233 23.45 -10.90 3.15
C ILE A 233 23.46 -10.46 4.61
N ASN A 234 22.38 -9.76 5.02
CA ASN A 234 22.23 -9.29 6.39
C ASN A 234 20.74 -9.18 6.72
N HIS A 235 20.34 -9.76 7.85
CA HIS A 235 18.93 -9.88 8.23
C HIS A 235 18.06 -10.44 7.09
N GLY A 236 18.62 -11.37 6.33
CA GLY A 236 17.86 -12.02 5.28
C GLY A 236 17.77 -11.24 3.98
N LEU A 237 18.38 -10.05 3.96
CA LEU A 237 18.33 -9.19 2.77
C LEU A 237 19.70 -9.10 2.10
N HIS A 238 19.72 -9.18 0.78
CA HIS A 238 20.98 -9.16 0.04
C HIS A 238 21.49 -7.77 -0.30
N ILE A 239 22.81 -7.67 -0.31
CA ILE A 239 23.54 -6.47 -0.68
C ILE A 239 24.59 -6.87 -1.72
N GLU A 240 24.68 -6.14 -2.82
CA GLU A 240 25.64 -6.50 -3.86
C GLU A 240 26.57 -5.33 -4.18
N ILE A 241 27.86 -5.57 -4.00
CA ILE A 241 28.86 -4.57 -4.33
C ILE A 241 29.31 -4.84 -5.77
N LEU A 242 29.04 -3.90 -6.67
CA LEU A 242 29.48 -4.03 -8.06
C LEU A 242 30.86 -3.41 -8.23
N ILE A 243 31.77 -4.17 -8.82
CA ILE A 243 33.16 -3.73 -8.99
C ILE A 243 33.50 -3.46 -10.46
N ASP A 244 33.79 -2.20 -10.79
CA ASP A 244 34.15 -1.85 -12.17
C ASP A 244 34.92 -0.53 -12.21
N PRO A 245 36.27 -0.61 -12.19
CA PRO A 245 37.14 0.58 -12.18
C PRO A 245 36.95 1.42 -13.43
N GLU A 246 36.42 0.80 -14.49
CA GLU A 246 36.25 1.50 -15.75
C GLU A 246 34.95 2.29 -15.86
N SER A 247 34.12 2.19 -14.83
CA SER A 247 32.89 2.97 -14.80
C SER A 247 33.22 4.40 -14.36
N GLN A 248 32.36 5.35 -14.68
CA GLN A 248 32.64 6.74 -14.33
C GLN A 248 32.69 6.96 -12.80
N VAL A 249 32.00 6.12 -12.03
CA VAL A 249 32.06 6.21 -10.57
C VAL A 249 33.17 5.31 -10.03
N GLY A 250 33.29 4.10 -10.58
CA GLY A 250 34.34 3.18 -10.17
C GLY A 250 35.74 3.72 -10.37
N THR A 251 35.93 4.57 -11.37
CA THR A 251 37.23 5.18 -11.65
C THR A 251 37.68 6.06 -10.49
N THR A 252 36.72 6.68 -9.80
CA THR A 252 37.04 7.59 -8.70
C THR A 252 37.23 6.86 -7.38
N ASP A 253 36.93 5.55 -7.38
CA ASP A 253 36.77 4.78 -6.15
C ASP A 253 38.01 3.98 -5.76
N ARG A 254 38.30 3.97 -4.47
CA ARG A 254 39.53 3.37 -3.97
C ARG A 254 39.57 1.85 -4.14
N ALA A 255 38.42 1.23 -4.37
CA ALA A 255 38.37 -0.21 -4.61
C ALA A 255 37.73 -0.51 -5.96
N GLY A 256 37.48 0.55 -6.74
CA GLY A 256 36.91 0.40 -8.06
C GLY A 256 35.44 0.03 -7.99
N VAL A 257 34.81 0.29 -6.84
CA VAL A 257 33.38 0.01 -6.67
C VAL A 257 32.54 0.96 -7.53
N LYS A 258 31.65 0.36 -8.32
CA LYS A 258 30.76 1.10 -9.21
C LYS A 258 29.42 1.46 -8.55
N ASP A 259 28.92 0.58 -7.68
CA ASP A 259 27.61 0.79 -7.06
C ASP A 259 27.40 -0.22 -5.96
N VAL A 260 26.42 0.05 -5.11
CA VAL A 260 25.94 -0.92 -4.14
C VAL A 260 24.47 -1.15 -4.43
N ILE A 261 24.11 -2.39 -4.74
CA ILE A 261 22.74 -2.72 -5.09
C ILE A 261 22.06 -3.33 -3.87
N LEU A 262 20.88 -2.82 -3.48
CA LEU A 262 20.15 -3.40 -2.35
C LEU A 262 18.92 -4.19 -2.81
N GLU A 263 18.71 -5.38 -2.24
CA GLU A 263 17.43 -6.06 -2.37
C GLU A 263 16.43 -5.16 -1.63
N SER A 264 15.42 -4.66 -2.33
CA SER A 264 14.62 -3.51 -1.89
C SER A 264 13.14 -3.84 -1.71
N ALA A 265 12.38 -3.75 -2.80
CA ALA A 265 10.96 -4.11 -2.75
C ALA A 265 10.79 -5.62 -2.83
N ILE A 266 10.70 -6.25 -1.67
CA ILE A 266 10.63 -7.70 -1.60
C ILE A 266 9.29 -8.15 -2.17
N THR A 267 8.24 -7.40 -1.85
CA THR A 267 6.92 -7.65 -2.39
C THR A 267 6.37 -6.35 -2.94
N THR A 268 5.41 -6.49 -3.84
CA THR A 268 4.74 -5.36 -4.45
C THR A 268 3.25 -5.68 -4.48
N ILE A 269 2.44 -4.66 -4.21
CA ILE A 269 0.99 -4.82 -4.27
C ILE A 269 0.48 -4.06 -5.49
N MET A 270 -0.09 -4.79 -6.43
CA MET A 270 -0.68 -4.17 -7.62
C MET A 270 -2.12 -3.78 -7.29
N ASP A 271 -2.39 -2.48 -7.33
CA ASP A 271 -3.58 -1.92 -6.70
C ASP A 271 -4.73 -1.63 -7.67
N PHE A 272 -5.88 -2.23 -7.39
CA PHE A 272 -7.12 -1.94 -8.14
C PHE A 272 -8.05 -1.02 -7.35
N GLU A 273 -7.64 -0.68 -6.12
CA GLU A 273 -8.53 0.08 -5.24
C GLU A 273 -8.15 1.56 -5.17
N ASP A 274 -7.76 2.03 -3.99
CA ASP A 274 -7.71 3.47 -3.75
C ASP A 274 -6.65 4.27 -4.52
N SER A 275 -5.66 3.62 -5.13
CA SER A 275 -4.69 4.40 -5.93
C SER A 275 -5.04 4.47 -7.42
N VAL A 276 -6.19 3.91 -7.81
CA VAL A 276 -6.62 4.01 -9.22
C VAL A 276 -8.03 4.56 -9.34
N ALA A 277 -8.37 5.04 -10.52
CA ALA A 277 -9.72 5.54 -10.79
C ALA A 277 -10.30 4.66 -11.87
N ALA A 278 -11.24 3.79 -11.49
CA ALA A 278 -11.83 2.85 -12.45
C ALA A 278 -13.33 2.74 -12.18
N VAL A 279 -14.14 3.25 -13.10
CA VAL A 279 -15.54 3.48 -12.82
C VAL A 279 -16.48 2.78 -13.80
N ASP A 280 -15.91 2.04 -14.75
CA ASP A 280 -16.72 1.33 -15.72
C ASP A 280 -15.96 0.12 -16.26
N ALA A 281 -16.56 -0.58 -17.24
CA ALA A 281 -15.99 -1.81 -17.78
C ALA A 281 -14.67 -1.56 -18.49
N ALA A 282 -14.58 -0.46 -19.24
CA ALA A 282 -13.36 -0.13 -19.95
C ALA A 282 -12.18 0.07 -18.97
N ASP A 283 -12.46 0.74 -17.85
CA ASP A 283 -11.39 0.97 -16.87
C ASP A 283 -10.94 -0.34 -16.21
N LYS A 284 -11.90 -1.20 -15.86
CA LYS A 284 -11.58 -2.48 -15.23
C LYS A 284 -10.74 -3.35 -16.16
N VAL A 285 -11.13 -3.40 -17.44
CA VAL A 285 -10.38 -4.18 -18.44
C VAL A 285 -8.91 -3.72 -18.60
N LEU A 286 -8.69 -2.42 -18.60
CA LEU A 286 -7.32 -1.89 -18.64
C LEU A 286 -6.54 -2.44 -17.45
N GLY A 287 -7.16 -2.43 -16.27
CA GLY A 287 -6.51 -2.92 -15.08
C GLY A 287 -6.23 -4.41 -15.16
N TYR A 288 -7.25 -5.18 -15.50
CA TYR A 288 -7.11 -6.63 -15.63
C TYR A 288 -6.02 -6.99 -16.66
N ARG A 289 -5.99 -6.27 -17.79
CA ARG A 289 -5.03 -6.59 -18.84
C ARG A 289 -3.57 -6.36 -18.37
N ASN A 290 -3.34 -5.33 -17.58
CA ASN A 290 -2.00 -5.14 -17.01
C ASN A 290 -1.67 -6.25 -16.02
N TRP A 291 -2.62 -6.59 -15.16
CA TRP A 291 -2.42 -7.65 -14.17
C TRP A 291 -2.14 -8.98 -14.89
N LEU A 292 -2.82 -9.21 -16.00
CA LEU A 292 -2.58 -10.40 -16.82
C LEU A 292 -1.18 -10.39 -17.42
N GLY A 293 -0.79 -9.25 -18.00
CA GLY A 293 0.54 -9.10 -18.58
C GLY A 293 1.62 -9.34 -17.54
N LEU A 294 1.39 -8.87 -16.32
CA LEU A 294 2.35 -9.09 -15.23
C LEU A 294 2.46 -10.58 -14.91
N ASN A 295 1.33 -11.26 -14.75
CA ASN A 295 1.38 -12.68 -14.38
C ASN A 295 1.90 -13.58 -15.49
N LYS A 296 1.64 -13.22 -16.74
CA LYS A 296 2.16 -14.00 -17.87
C LYS A 296 3.60 -13.65 -18.18
N GLY A 297 4.10 -12.59 -17.55
CA GLY A 297 5.47 -12.17 -17.73
C GLY A 297 5.75 -11.43 -19.01
N ASP A 298 4.69 -11.06 -19.72
CA ASP A 298 4.86 -10.46 -21.04
C ASP A 298 4.44 -9.00 -21.15
N LEU A 299 4.10 -8.37 -20.03
CA LEU A 299 3.77 -6.94 -20.04
C LEU A 299 4.98 -6.14 -20.51
N ALA A 300 4.76 -5.23 -21.45
CA ALA A 300 5.82 -4.38 -21.97
C ALA A 300 5.25 -3.01 -22.32
N ALA A 301 5.82 -1.96 -21.73
CA ALA A 301 5.30 -0.60 -21.92
C ALA A 301 6.30 0.36 -22.55
N ARG A 312 11.99 -2.01 -20.22
CA ARG A 312 10.66 -1.98 -20.84
C ARG A 312 9.89 -3.27 -20.55
N VAL A 313 10.62 -4.27 -20.04
CA VAL A 313 10.06 -5.59 -19.78
C VAL A 313 10.34 -6.09 -18.36
N LEU A 314 9.78 -7.23 -17.98
CA LEU A 314 10.06 -7.81 -16.67
C LEU A 314 11.48 -8.39 -16.59
N ASN A 315 12.13 -8.18 -15.45
CA ASN A 315 13.48 -8.68 -15.22
C ASN A 315 13.52 -10.18 -15.02
N ARG A 316 14.63 -10.81 -15.41
CA ARG A 316 14.86 -12.23 -15.13
C ARG A 316 15.60 -12.41 -13.81
N ASP A 317 15.65 -13.65 -13.33
CA ASP A 317 16.37 -13.99 -12.10
C ASP A 317 17.87 -13.68 -12.21
N ARG A 318 18.53 -13.55 -11.05
CA ARG A 318 19.93 -13.14 -11.02
C ARG A 318 20.85 -14.33 -10.76
N ASN A 319 21.92 -14.44 -11.56
CA ASN A 319 22.87 -15.55 -11.44
C ASN A 319 24.11 -15.22 -10.60
N TYR A 320 24.42 -16.11 -9.68
CA TYR A 320 25.56 -15.93 -8.79
C TYR A 320 26.38 -17.20 -8.66
N THR A 321 27.63 -17.03 -8.23
CA THR A 321 28.44 -18.16 -7.83
C THR A 321 28.44 -18.19 -6.31
N ALA A 322 28.10 -19.35 -5.74
CA ALA A 322 28.18 -19.54 -4.29
C ALA A 322 29.63 -19.43 -3.78
N PRO A 323 29.82 -19.20 -2.47
CA PRO A 323 31.17 -19.03 -1.96
C PRO A 323 32.06 -20.25 -2.22
N GLY A 324 31.49 -21.44 -2.10
CA GLY A 324 32.22 -22.68 -2.31
C GLY A 324 32.57 -22.92 -3.76
N GLY A 325 31.82 -22.29 -4.68
CA GLY A 325 32.13 -22.36 -6.09
C GLY A 325 30.98 -22.78 -6.99
N GLY A 326 29.91 -23.31 -6.42
CA GLY A 326 28.75 -23.73 -7.18
C GLY A 326 27.89 -22.59 -7.75
N GLN A 327 26.84 -22.95 -8.49
CA GLN A 327 25.97 -21.96 -9.11
C GLN A 327 24.65 -21.85 -8.36
N PHE A 328 24.13 -20.63 -8.26
CA PHE A 328 22.78 -20.45 -7.72
C PHE A 328 22.07 -19.23 -8.32
N THR A 329 20.84 -19.03 -7.90
CA THR A 329 19.99 -18.01 -8.50
C THR A 329 19.16 -17.32 -7.42
N LEU A 330 18.96 -16.01 -7.57
CA LEU A 330 18.04 -15.27 -6.69
C LEU A 330 16.96 -14.60 -7.53
N PRO A 331 15.75 -14.48 -6.98
CA PRO A 331 14.64 -13.86 -7.73
C PRO A 331 14.96 -12.42 -8.17
N GLY A 332 14.55 -12.08 -9.38
CA GLY A 332 14.83 -10.78 -9.93
C GLY A 332 13.64 -9.85 -9.83
N ARG A 333 12.51 -10.41 -9.41
CA ARG A 333 11.25 -9.69 -9.41
C ARG A 333 10.64 -9.66 -8.02
N SER A 334 9.89 -8.60 -7.76
CA SER A 334 9.15 -8.49 -6.51
CA SER A 334 9.12 -8.47 -6.52
C SER A 334 8.00 -9.51 -6.54
N LEU A 335 7.75 -10.17 -5.42
CA LEU A 335 6.61 -11.10 -5.34
C LEU A 335 5.30 -10.29 -5.31
N MET A 336 4.40 -10.55 -6.25
CA MET A 336 3.21 -9.70 -6.42
C MET A 336 1.95 -10.10 -5.63
N PHE A 337 1.39 -9.14 -4.91
CA PHE A 337 0.02 -9.21 -4.40
C PHE A 337 -0.86 -8.41 -5.37
N VAL A 338 -2.17 -8.61 -5.28
CA VAL A 338 -3.11 -7.69 -5.94
C VAL A 338 -4.07 -7.17 -4.87
N ARG A 339 -4.35 -5.87 -4.84
CA ARG A 339 -5.36 -5.35 -3.93
C ARG A 339 -6.66 -5.17 -4.68
N ASN A 340 -7.64 -6.04 -4.37
CA ASN A 340 -9.01 -5.95 -4.92
C ASN A 340 -9.76 -4.78 -4.26
N VAL A 341 -10.91 -4.39 -4.80
CA VAL A 341 -11.75 -3.43 -4.07
C VAL A 341 -12.50 -4.13 -2.94
N GLY A 342 -13.07 -3.34 -2.03
CA GLY A 342 -13.74 -3.88 -0.86
C GLY A 342 -15.22 -4.11 -1.12
N HIS A 343 -15.99 -4.30 -0.05
CA HIS A 343 -17.37 -4.79 -0.19
C HIS A 343 -18.39 -3.77 -0.69
N LEU A 344 -18.04 -2.49 -0.72
CA LEU A 344 -19.07 -1.45 -0.90
C LEU A 344 -19.61 -1.30 -2.32
N MET A 345 -18.73 -1.03 -3.28
CA MET A 345 -19.17 -0.48 -4.55
C MET A 345 -19.64 -1.53 -5.54
N THR A 346 -20.53 -1.10 -6.43
CA THR A 346 -20.92 -1.92 -7.57
C THR A 346 -20.29 -1.28 -8.80
N ASN A 347 -20.29 -1.99 -9.92
CA ASN A 347 -19.68 -1.47 -11.16
C ASN A 347 -20.49 -2.01 -12.33
N ASP A 348 -20.75 -1.18 -13.35
CA ASP A 348 -21.65 -1.59 -14.44
C ASP A 348 -21.00 -2.49 -15.48
N ALA A 349 -19.77 -2.94 -15.22
CA ALA A 349 -19.14 -3.95 -16.07
C ALA A 349 -20.07 -5.17 -16.20
N ILE A 350 -20.83 -5.45 -15.15
CA ILE A 350 -21.88 -6.46 -15.23
C ILE A 350 -23.12 -5.89 -14.55
N VAL A 351 -24.26 -6.05 -15.21
CA VAL A 351 -25.55 -5.71 -14.59
C VAL A 351 -26.45 -6.93 -14.65
N ASP A 352 -27.44 -7.01 -13.76
CA ASP A 352 -28.41 -8.09 -13.85
C ASP A 352 -29.60 -7.68 -14.72
N THR A 353 -30.58 -8.57 -14.82
CA THR A 353 -31.78 -8.38 -15.63
C THR A 353 -32.51 -7.06 -15.30
N ASP A 354 -32.59 -6.72 -14.02
CA ASP A 354 -33.24 -5.49 -13.58
C ASP A 354 -32.41 -4.23 -13.90
N GLY A 355 -31.17 -4.41 -14.34
CA GLY A 355 -30.31 -3.28 -14.64
C GLY A 355 -29.43 -2.87 -13.47
N SER A 356 -29.55 -3.58 -12.35
CA SER A 356 -28.74 -3.25 -11.17
C SER A 356 -27.29 -3.72 -11.34
N GLU A 357 -26.35 -2.87 -10.97
CA GLU A 357 -24.93 -3.20 -11.07
C GLU A 357 -24.52 -4.29 -10.08
N VAL A 358 -23.54 -5.10 -10.49
CA VAL A 358 -23.01 -6.20 -9.69
C VAL A 358 -21.94 -5.68 -8.73
N PHE A 359 -21.84 -6.27 -7.54
CA PHE A 359 -20.78 -5.91 -6.57
C PHE A 359 -19.37 -6.09 -7.15
N GLU A 360 -18.57 -5.04 -7.08
CA GLU A 360 -17.27 -5.02 -7.73
C GLU A 360 -16.26 -5.93 -7.01
N GLY A 361 -16.35 -6.00 -5.69
CA GLY A 361 -15.47 -6.89 -4.92
C GLY A 361 -15.63 -8.34 -5.33
N ILE A 362 -16.87 -8.77 -5.56
CA ILE A 362 -17.12 -10.14 -6.01
C ILE A 362 -16.48 -10.36 -7.37
N MET A 363 -16.67 -9.39 -8.27
CA MET A 363 -16.09 -9.47 -9.60
C MET A 363 -14.57 -9.54 -9.54
N ASP A 364 -13.95 -8.66 -8.75
CA ASP A 364 -12.48 -8.67 -8.66
C ASP A 364 -11.96 -10.01 -8.20
N ALA A 365 -12.65 -10.64 -7.25
CA ALA A 365 -12.18 -11.92 -6.73
C ALA A 365 -12.17 -12.95 -7.87
N LEU A 366 -13.25 -13.00 -8.64
CA LEU A 366 -13.34 -13.90 -9.79
C LEU A 366 -12.28 -13.62 -10.86
N PHE A 367 -12.18 -12.36 -11.31
CA PHE A 367 -11.27 -12.02 -12.41
C PHE A 367 -9.79 -11.88 -12.04
N THR A 368 -9.45 -11.20 -10.95
CA THR A 368 -8.04 -11.13 -10.55
C THR A 368 -7.51 -12.51 -10.15
N GLY A 369 -8.39 -13.32 -9.59
CA GLY A 369 -8.02 -14.68 -9.21
C GLY A 369 -7.83 -15.56 -10.43
N LEU A 370 -8.74 -15.47 -11.40
CA LEU A 370 -8.57 -16.21 -12.65
C LEU A 370 -7.23 -15.84 -13.27
N ILE A 371 -7.00 -14.53 -13.37
CA ILE A 371 -5.81 -14.02 -14.03
C ILE A 371 -4.53 -14.46 -13.31
N ALA A 372 -4.58 -14.53 -11.98
CA ALA A 372 -3.39 -14.90 -11.21
C ALA A 372 -2.94 -16.35 -11.45
N ILE A 373 -3.80 -17.16 -12.06
CA ILE A 373 -3.41 -18.53 -12.37
C ILE A 373 -2.19 -18.53 -13.30
N HIS A 374 -2.12 -17.56 -14.21
CA HIS A 374 -0.99 -17.47 -15.14
C HIS A 374 0.36 -17.24 -14.44
N GLY A 375 0.30 -16.64 -13.25
CA GLY A 375 1.50 -16.39 -12.46
C GLY A 375 1.97 -17.62 -11.70
N LEU A 376 1.14 -18.67 -11.69
CA LEU A 376 1.51 -19.94 -11.08
C LEU A 376 2.09 -20.92 -12.12
N LYS A 377 2.32 -20.45 -13.34
CA LYS A 377 2.85 -21.31 -14.39
C LYS A 377 3.86 -20.60 -15.28
N ALA A 378 4.60 -21.39 -16.06
CA ALA A 378 5.71 -20.89 -16.87
C ALA A 378 5.29 -19.81 -17.87
N SER A 379 6.09 -18.74 -17.91
CA SER A 379 5.86 -17.65 -18.84
C SER A 379 6.53 -17.91 -20.19
N ASP A 380 5.82 -17.59 -21.27
CA ASP A 380 6.31 -17.69 -22.66
C ASP A 380 7.16 -18.94 -22.97
N GLY A 383 10.33 -18.85 -20.15
CA GLY A 383 10.81 -18.52 -18.83
C GLY A 383 10.06 -19.26 -17.73
N PRO A 384 10.73 -19.49 -16.59
CA PRO A 384 10.06 -20.05 -15.42
C PRO A 384 8.88 -19.19 -14.98
N LEU A 385 7.97 -19.75 -14.17
CA LEU A 385 6.79 -19.00 -13.72
C LEU A 385 7.17 -17.69 -13.01
N ILE A 386 6.35 -16.69 -13.22
CA ILE A 386 6.65 -15.34 -12.72
C ILE A 386 6.53 -15.19 -11.20
N ASN A 387 5.46 -15.72 -10.59
CA ASN A 387 5.12 -15.33 -9.23
C ASN A 387 5.35 -16.40 -8.15
N SER A 388 4.27 -16.98 -7.63
CA SER A 388 4.37 -17.84 -6.46
C SER A 388 4.80 -19.28 -6.81
N ARG A 389 6.02 -19.63 -6.40
CA ARG A 389 6.49 -20.99 -6.63
C ARG A 389 5.78 -21.96 -5.68
N THR A 390 5.26 -21.44 -4.57
CA THR A 390 4.60 -22.30 -3.58
C THR A 390 3.13 -22.56 -3.89
N GLY A 391 2.60 -21.84 -4.88
CA GLY A 391 1.25 -22.11 -5.37
C GLY A 391 0.14 -21.27 -4.74
N SER A 392 0.48 -20.12 -4.18
CA SER A 392 -0.52 -19.24 -3.57
C SER A 392 -0.90 -18.07 -4.47
N ILE A 393 -2.13 -17.59 -4.32
CA ILE A 393 -2.54 -16.32 -4.93
C ILE A 393 -2.76 -15.32 -3.79
N TYR A 394 -2.10 -14.17 -3.86
CA TYR A 394 -2.08 -13.21 -2.74
C TYR A 394 -2.96 -11.99 -3.01
N ILE A 395 -4.07 -11.90 -2.29
CA ILE A 395 -5.03 -10.83 -2.51
C ILE A 395 -5.15 -9.94 -1.27
N VAL A 396 -4.95 -8.63 -1.42
CA VAL A 396 -5.19 -7.70 -0.32
C VAL A 396 -6.65 -7.26 -0.36
N LYS A 397 -7.36 -7.40 0.76
CA LYS A 397 -8.77 -7.01 0.82
C LYS A 397 -8.92 -5.80 1.76
N PRO A 398 -9.25 -4.63 1.19
CA PRO A 398 -9.32 -3.38 1.96
C PRO A 398 -10.71 -3.14 2.58
N LYS A 399 -10.77 -2.23 3.54
CA LYS A 399 -12.02 -1.65 4.05
C LYS A 399 -13.05 -2.63 4.61
N MET A 400 -12.60 -3.70 5.26
CA MET A 400 -13.53 -4.61 5.92
C MET A 400 -13.89 -4.09 7.31
N HIS A 401 -15.13 -4.29 7.72
CA HIS A 401 -15.57 -3.88 9.06
C HIS A 401 -15.95 -5.09 9.89
N GLY A 402 -14.99 -5.64 10.64
CA GLY A 402 -15.27 -6.69 11.61
C GLY A 402 -15.20 -8.09 11.04
N PRO A 403 -15.31 -9.12 11.92
CA PRO A 403 -15.10 -10.54 11.62
C PRO A 403 -16.08 -11.15 10.62
N ALA A 404 -17.35 -10.77 10.67
CA ALA A 404 -18.30 -11.34 9.70
C ALA A 404 -17.98 -10.92 8.27
N GLU A 405 -17.42 -9.72 8.10
CA GLU A 405 -16.98 -9.30 6.76
C GLU A 405 -15.72 -10.04 6.31
N VAL A 406 -14.83 -10.34 7.25
CA VAL A 406 -13.66 -11.16 6.93
C VAL A 406 -14.12 -12.57 6.56
N ALA A 407 -15.07 -13.11 7.32
CA ALA A 407 -15.60 -14.45 7.02
C ALA A 407 -16.23 -14.46 5.64
N PHE A 408 -16.99 -13.41 5.32
CA PHE A 408 -17.61 -13.31 4.00
C PHE A 408 -16.56 -13.32 2.88
N THR A 409 -15.46 -12.61 3.09
CA THR A 409 -14.40 -12.59 2.07
C THR A 409 -13.79 -13.99 1.89
N CYS A 410 -13.59 -14.70 3.00
CA CYS A 410 -13.05 -16.06 2.92
C CYS A 410 -13.98 -16.99 2.17
N GLU A 411 -15.28 -16.88 2.45
CA GLU A 411 -16.25 -17.70 1.74
C GLU A 411 -16.28 -17.36 0.25
N LEU A 412 -16.23 -16.07 -0.07
CA LEU A 412 -16.14 -15.64 -1.47
C LEU A 412 -14.94 -16.31 -2.15
N PHE A 413 -13.78 -16.23 -1.50
CA PHE A 413 -12.56 -16.84 -2.04
C PHE A 413 -12.76 -18.35 -2.23
N SER A 414 -13.44 -18.98 -1.27
CA SER A 414 -13.71 -20.42 -1.34
C SER A 414 -14.53 -20.77 -2.58
N ARG A 415 -15.61 -20.04 -2.80
CA ARG A 415 -16.47 -20.22 -3.98
C ARG A 415 -15.75 -19.93 -5.31
N VAL A 416 -14.89 -18.91 -5.32
CA VAL A 416 -14.10 -18.61 -6.51
C VAL A 416 -13.12 -19.75 -6.81
N GLU A 417 -12.45 -20.24 -5.77
CA GLU A 417 -11.54 -21.38 -5.90
C GLU A 417 -12.21 -22.58 -6.57
N ASP A 418 -13.48 -22.82 -6.23
CA ASP A 418 -14.23 -23.91 -6.85
C ASP A 418 -14.50 -23.67 -8.33
N VAL A 419 -14.92 -22.45 -8.67
CA VAL A 419 -15.15 -22.08 -10.06
C VAL A 419 -13.87 -22.23 -10.89
N LEU A 420 -12.74 -21.87 -10.31
CA LEU A 420 -11.46 -21.87 -11.01
C LEU A 420 -10.73 -23.21 -10.96
N GLY A 421 -11.32 -24.18 -10.28
CA GLY A 421 -10.70 -25.49 -10.13
C GLY A 421 -9.47 -25.48 -9.26
N LEU A 422 -9.35 -24.48 -8.39
CA LEU A 422 -8.17 -24.36 -7.53
C LEU A 422 -8.39 -25.09 -6.21
N PRO A 423 -7.31 -25.60 -5.62
CA PRO A 423 -7.48 -26.19 -4.29
C PRO A 423 -7.91 -25.11 -3.30
N GLN A 424 -8.73 -25.51 -2.33
CA GLN A 424 -9.19 -24.59 -1.30
C GLN A 424 -7.98 -23.97 -0.60
N ASN A 425 -8.09 -22.67 -0.27
CA ASN A 425 -7.03 -21.91 0.41
C ASN A 425 -5.85 -21.51 -0.47
N THR A 426 -5.99 -21.67 -1.78
CA THR A 426 -4.99 -21.14 -2.71
C THR A 426 -4.97 -19.62 -2.58
N MET A 427 -6.16 -19.04 -2.47
CA MET A 427 -6.30 -17.59 -2.42
C MET A 427 -6.11 -17.07 -1.00
N LYS A 428 -4.95 -16.47 -0.78
CA LYS A 428 -4.59 -15.96 0.55
C LYS A 428 -5.10 -14.52 0.72
N ILE A 429 -5.21 -14.07 1.97
CA ILE A 429 -5.74 -12.74 2.20
C ILE A 429 -4.79 -11.87 3.01
N GLY A 430 -4.48 -10.69 2.47
CA GLY A 430 -3.79 -9.67 3.24
C GLY A 430 -4.86 -8.76 3.80
N ILE A 431 -5.04 -8.79 5.11
CA ILE A 431 -6.09 -8.02 5.77
C ILE A 431 -5.66 -6.58 6.07
N MET A 432 -6.36 -5.61 5.48
CA MET A 432 -6.18 -4.22 5.89
C MET A 432 -6.94 -4.01 7.20
N ASP A 433 -6.22 -3.52 8.22
CA ASP A 433 -6.82 -3.04 9.47
C ASP A 433 -6.90 -1.53 9.27
N GLU A 434 -8.01 -1.09 8.68
CA GLU A 434 -8.16 0.32 8.32
C GLU A 434 -9.57 0.84 8.58
N GLU A 435 -10.32 0.11 9.40
CA GLU A 435 -11.65 0.50 9.85
C GLU A 435 -11.77 0.20 11.35
N ARG A 436 -12.47 1.04 12.07
CA ARG A 436 -12.52 0.92 13.54
C ARG A 436 -13.11 -0.39 14.02
N ARG A 437 -14.12 -0.89 13.33
CA ARG A 437 -14.78 -2.12 13.81
C ARG A 437 -13.90 -3.36 13.59
N THR A 438 -12.92 -3.24 12.68
CA THR A 438 -11.90 -4.27 12.56
C THR A 438 -10.84 -4.14 13.66
N THR A 439 -10.34 -2.92 13.86
CA THR A 439 -9.38 -2.63 14.93
C THR A 439 -9.78 -3.22 16.29
N VAL A 440 -11.01 -2.96 16.73
CA VAL A 440 -11.39 -3.36 18.09
C VAL A 440 -11.83 -4.83 18.14
N ASN A 441 -11.91 -5.48 16.98
CA ASN A 441 -12.20 -6.91 16.92
C ASN A 441 -11.13 -7.67 16.15
N LEU A 442 -9.90 -7.15 16.18
CA LEU A 442 -8.84 -7.62 15.29
C LEU A 442 -8.50 -9.11 15.44
N LYS A 443 -8.44 -9.57 16.69
CA LYS A 443 -8.12 -10.97 16.97
C LYS A 443 -9.15 -11.88 16.33
N ALA A 444 -10.43 -11.51 16.45
CA ALA A 444 -11.51 -12.25 15.79
C ALA A 444 -11.44 -12.18 14.26
N CYS A 445 -11.02 -11.05 13.72
CA CYS A 445 -10.86 -10.93 12.27
C CYS A 445 -9.77 -11.87 11.75
N ILE A 446 -8.65 -11.90 12.44
CA ILE A 446 -7.55 -12.80 12.08
C ILE A 446 -8.04 -14.26 12.16
N LYS A 447 -8.75 -14.57 13.24
CA LYS A 447 -9.27 -15.93 13.43
C LYS A 447 -10.19 -16.32 12.29
N ALA A 448 -11.02 -15.40 11.83
CA ALA A 448 -11.95 -15.68 10.75
C ALA A 448 -11.22 -16.07 9.47
N ALA A 449 -9.96 -15.66 9.34
CA ALA A 449 -9.18 -15.97 8.15
C ALA A 449 -7.92 -16.77 8.51
N ALA A 450 -7.99 -17.51 9.61
CA ALA A 450 -6.78 -18.14 10.17
C ALA A 450 -6.05 -19.09 9.23
N ASP A 451 -6.76 -19.61 8.22
CA ASP A 451 -6.12 -20.53 7.27
C ASP A 451 -5.82 -19.84 5.92
N ARG A 452 -6.10 -18.54 5.81
CA ARG A 452 -5.82 -17.80 4.57
C ARG A 452 -4.94 -16.56 4.78
N VAL A 453 -4.86 -16.07 6.02
CA VAL A 453 -4.20 -14.78 6.23
C VAL A 453 -2.67 -14.80 6.03
N VAL A 454 -2.19 -13.86 5.20
CA VAL A 454 -0.75 -13.68 5.00
C VAL A 454 -0.22 -12.34 5.50
N PHE A 455 -1.12 -11.38 5.74
CA PHE A 455 -0.73 -10.19 6.51
C PHE A 455 -1.87 -9.47 7.19
N ILE A 456 -1.48 -8.61 8.12
CA ILE A 456 -2.35 -7.56 8.60
C ILE A 456 -1.54 -6.29 8.41
N ASN A 457 -2.24 -5.19 8.12
CA ASN A 457 -1.54 -3.94 7.83
C ASN A 457 -2.38 -2.76 8.31
N THR A 458 -1.75 -1.83 9.03
CA THR A 458 -2.47 -0.65 9.49
C THR A 458 -2.56 0.39 8.39
N GLY A 459 -3.70 0.40 7.69
CA GLY A 459 -3.95 1.43 6.69
C GLY A 459 -4.42 2.67 7.42
N PHE A 460 -3.46 3.49 7.90
CA PHE A 460 -3.78 4.55 8.86
C PHE A 460 -4.59 5.70 8.26
N LEU A 461 -4.52 5.88 6.95
CA LEU A 461 -5.31 6.93 6.32
C LEU A 461 -6.80 6.61 6.36
N ASP A 462 -7.20 5.46 5.81
CA ASP A 462 -8.61 5.07 5.90
C ASP A 462 -9.06 5.03 7.35
N ARG A 463 -8.18 4.55 8.21
CA ARG A 463 -8.55 4.34 9.61
C ARG A 463 -8.93 5.67 10.26
N THR A 464 -8.22 6.71 9.86
CA THR A 464 -8.48 8.06 10.38
C THR A 464 -9.83 8.56 9.86
N GLY A 465 -10.10 8.32 8.57
CA GLY A 465 -11.38 8.64 7.99
C GLY A 465 -12.53 7.98 8.73
N ASP A 466 -12.37 6.70 9.04
CA ASP A 466 -13.43 5.96 9.75
C ASP A 466 -13.59 6.46 11.17
N GLU A 467 -12.47 6.86 11.78
CA GLU A 467 -12.52 7.39 13.15
C GLU A 467 -13.39 8.66 13.19
N ILE A 468 -13.17 9.56 12.24
CA ILE A 468 -13.97 10.78 12.18
C ILE A 468 -15.46 10.48 11.94
N HIS A 469 -15.77 9.63 10.95
CA HIS A 469 -17.18 9.39 10.63
C HIS A 469 -17.93 8.68 11.74
N THR A 470 -17.29 7.70 12.36
CA THR A 470 -17.94 6.91 13.40
C THR A 470 -18.37 7.81 14.57
N SER A 471 -17.54 8.78 14.92
CA SER A 471 -17.84 9.66 16.03
C SER A 471 -18.24 11.07 15.58
N MET A 472 -18.64 11.16 14.32
CA MET A 472 -19.13 12.40 13.71
C MET A 472 -20.05 13.20 14.64
N GLU A 473 -20.98 12.52 15.31
CA GLU A 473 -21.95 13.21 16.16
C GLU A 473 -21.43 13.63 17.55
N ALA A 474 -20.27 13.12 17.94
CA ALA A 474 -19.73 13.37 19.29
C ALA A 474 -19.25 14.81 19.53
N GLY A 475 -18.78 15.47 18.48
CA GLY A 475 -18.25 16.82 18.63
C GLY A 475 -17.17 17.09 17.61
N PRO A 476 -16.57 18.29 17.65
CA PRO A 476 -15.52 18.65 16.68
C PRO A 476 -14.24 17.83 16.89
N MET A 477 -13.66 17.35 15.80
CA MET A 477 -12.42 16.58 15.85
C MET A 477 -11.20 17.49 15.77
N VAL A 478 -10.05 16.99 16.23
CA VAL A 478 -8.79 17.73 16.08
C VAL A 478 -8.42 17.86 14.62
N ARG A 479 -7.48 18.77 14.34
CA ARG A 479 -7.00 19.01 12.98
C ARG A 479 -6.34 17.79 12.34
N LYS A 480 -6.32 17.78 11.01
CA LYS A 480 -5.82 16.64 10.25
C LYS A 480 -4.38 16.26 10.60
N GLY A 481 -3.52 17.26 10.76
CA GLY A 481 -2.12 17.04 11.12
C GLY A 481 -1.95 16.53 12.54
N THR A 482 -2.96 16.75 13.37
CA THR A 482 -2.90 16.33 14.76
C THR A 482 -3.25 14.85 14.89
N MET A 483 -4.01 14.32 13.93
CA MET A 483 -4.47 12.93 14.00
C MET A 483 -3.34 11.91 14.16
N LYS A 484 -2.24 12.07 13.42
CA LYS A 484 -1.15 11.10 13.45
C LYS A 484 -0.54 10.84 14.83
N SER A 485 -0.80 11.72 15.79
CA SER A 485 -0.19 11.60 17.13
C SER A 485 -1.23 11.43 18.26
N GLN A 486 -2.49 11.26 17.89
CA GLN A 486 -3.56 11.06 18.88
C GLN A 486 -3.43 9.71 19.59
N PRO A 487 -3.90 9.63 20.84
CA PRO A 487 -3.85 8.36 21.56
C PRO A 487 -4.49 7.20 20.81
N TRP A 488 -5.64 7.39 20.16
CA TRP A 488 -6.30 6.28 19.47
C TRP A 488 -5.39 5.64 18.42
N ILE A 489 -4.67 6.46 17.68
CA ILE A 489 -3.88 5.93 16.56
C ILE A 489 -2.60 5.24 17.03
N LEU A 490 -2.02 5.73 18.13
CA LEU A 490 -0.81 5.10 18.64
C LEU A 490 -1.18 3.75 19.24
N ALA A 491 -2.32 3.70 19.90
CA ALA A 491 -2.83 2.43 20.45
C ALA A 491 -3.18 1.46 19.32
N TYR A 492 -3.87 1.98 18.31
CA TYR A 492 -4.21 1.18 17.11
C TYR A 492 -2.98 0.52 16.49
N GLU A 493 -1.90 1.26 16.33
CA GLU A 493 -0.66 0.70 15.76
C GLU A 493 -0.04 -0.43 16.62
N ASP A 494 0.06 -0.22 17.93
CA ASP A 494 0.62 -1.25 18.83
C ASP A 494 -0.32 -2.47 18.96
N HIS A 495 -1.61 -2.20 19.09
CA HIS A 495 -2.61 -3.27 19.16
C HIS A 495 -2.52 -4.17 17.93
N ASN A 496 -2.27 -3.58 16.76
CA ASN A 496 -2.18 -4.37 15.53
C ASN A 496 -1.01 -5.36 15.61
N VAL A 497 0.17 -4.85 15.96
CA VAL A 497 1.36 -5.69 16.10
C VAL A 497 1.14 -6.78 17.16
N ASP A 498 0.61 -6.39 18.31
CA ASP A 498 0.32 -7.31 19.42
C ASP A 498 -0.57 -8.47 18.97
N ALA A 499 -1.60 -8.16 18.17
CA ALA A 499 -2.55 -9.16 17.69
C ALA A 499 -1.91 -10.14 16.70
N GLY A 500 -1.13 -9.61 15.77
CA GLY A 500 -0.41 -10.46 14.83
C GLY A 500 0.54 -11.42 15.55
N LEU A 501 1.40 -10.88 16.40
CA LEU A 501 2.40 -11.71 17.07
C LEU A 501 1.76 -12.81 17.92
N ALA A 502 0.70 -12.45 18.64
CA ALA A 502 -0.05 -13.40 19.47
C ALA A 502 -0.73 -14.48 18.65
N ALA A 503 -1.07 -14.17 17.39
CA ALA A 503 -1.69 -15.16 16.51
C ALA A 503 -0.62 -16.00 15.80
N GLY A 504 0.65 -15.77 16.16
CA GLY A 504 1.75 -16.55 15.64
C GLY A 504 2.30 -16.08 14.29
N PHE A 505 2.17 -14.80 14.00
CA PHE A 505 2.62 -14.28 12.69
C PHE A 505 4.12 -14.41 12.46
N SER A 506 4.93 -14.32 13.53
CA SER A 506 6.38 -14.44 13.38
C SER A 506 6.73 -15.74 12.67
N GLY A 507 7.40 -15.64 11.53
CA GLY A 507 7.76 -16.83 10.77
C GLY A 507 6.63 -17.37 9.91
N ARG A 508 5.43 -16.77 10.02
CA ARG A 508 4.27 -17.25 9.24
C ARG A 508 3.62 -16.21 8.30
N ALA A 509 3.50 -14.97 8.78
CA ALA A 509 2.79 -13.94 8.02
C ALA A 509 3.36 -12.57 8.34
N GLN A 510 3.10 -11.59 7.47
CA GLN A 510 3.65 -10.25 7.65
C GLN A 510 2.84 -9.43 8.65
N VAL A 511 3.54 -8.64 9.45
CA VAL A 511 2.88 -7.61 10.24
C VAL A 511 3.33 -6.27 9.66
N GLY A 512 2.38 -5.57 9.03
CA GLY A 512 2.73 -4.43 8.20
C GLY A 512 2.21 -3.10 8.71
N LYS A 513 2.95 -2.04 8.37
CA LYS A 513 2.53 -0.67 8.68
C LYS A 513 2.41 0.18 7.40
N GLY A 514 2.01 1.43 7.58
CA GLY A 514 1.45 2.22 6.48
C GLY A 514 2.41 2.97 5.57
N MET A 515 1.83 3.79 4.70
CA MET A 515 2.56 4.42 3.61
C MET A 515 3.29 5.70 4.03
N TRP A 516 4.54 5.84 3.57
CA TRP A 516 5.23 7.13 3.61
C TRP A 516 4.81 7.91 2.36
N THR A 517 4.17 9.05 2.57
CA THR A 517 3.52 9.76 1.46
C THR A 517 4.33 10.91 0.86
N MET A 518 5.36 11.37 1.57
CA MET A 518 6.11 12.53 1.10
C MET A 518 7.28 12.12 0.22
N THR A 519 7.02 12.08 -1.08
CA THR A 519 7.92 11.45 -2.03
C THR A 519 9.29 12.12 -2.16
N GLU A 520 9.35 13.43 -1.87
CA GLU A 520 10.62 14.14 -2.04
C GLU A 520 11.39 14.26 -0.74
N LEU A 521 10.75 13.93 0.37
CA LEU A 521 11.36 14.11 1.69
C LEU A 521 11.99 12.80 2.14
N MET A 522 13.05 12.39 1.44
CA MET A 522 13.69 11.10 1.70
C MET A 522 14.66 11.11 2.89
N ALA A 523 15.29 12.25 3.15
CA ALA A 523 16.07 12.40 4.37
C ALA A 523 15.14 12.20 5.56
N ASP A 524 13.96 12.80 5.48
CA ASP A 524 13.00 12.65 6.56
C ASP A 524 12.55 11.20 6.68
N MET A 525 12.34 10.53 5.54
CA MET A 525 11.90 9.14 5.59
C MET A 525 12.96 8.27 6.26
N VAL A 526 14.21 8.42 5.84
CA VAL A 526 15.29 7.57 6.35
C VAL A 526 15.46 7.82 7.84
N GLU A 527 15.23 9.07 8.25
CA GLU A 527 15.32 9.42 9.66
C GLU A 527 14.17 8.87 10.52
N THR A 528 12.94 8.91 10.02
CA THR A 528 11.79 8.62 10.90
C THR A 528 11.08 7.28 10.67
N LYS A 529 11.06 6.81 9.42
CA LYS A 529 10.31 5.59 9.09
C LYS A 529 10.93 4.35 9.76
N ILE A 530 12.14 4.50 10.32
CA ILE A 530 12.81 3.44 11.06
C ILE A 530 11.98 3.01 12.28
N ALA A 531 11.09 3.90 12.71
CA ALA A 531 10.18 3.63 13.83
C ALA A 531 9.33 2.39 13.58
N GLN A 532 9.03 2.12 12.31
CA GLN A 532 8.12 1.03 11.99
C GLN A 532 8.71 -0.37 12.23
N PRO A 533 9.87 -0.69 11.62
CA PRO A 533 10.42 -2.00 12.01
C PRO A 533 10.83 -2.01 13.48
N ARG A 534 11.19 -0.86 14.05
CA ARG A 534 11.52 -0.84 15.48
C ARG A 534 10.33 -1.20 16.32
N ALA A 535 9.13 -1.02 15.75
CA ALA A 535 7.88 -1.35 16.43
C ALA A 535 7.48 -2.79 16.14
N GLY A 536 8.34 -3.54 15.45
CA GLY A 536 8.11 -4.95 15.19
C GLY A 536 7.38 -5.25 13.89
N ALA A 537 7.32 -4.27 12.99
CA ALA A 537 6.69 -4.48 11.69
C ALA A 537 7.66 -5.19 10.73
N SER A 538 7.26 -6.33 10.19
CA SER A 538 8.12 -7.03 9.24
C SER A 538 8.06 -6.39 7.84
N THR A 539 7.14 -5.45 7.66
CA THR A 539 7.08 -4.71 6.40
C THR A 539 6.36 -3.38 6.59
N ALA A 540 6.60 -2.45 5.67
CA ALA A 540 5.86 -1.21 5.65
C ALA A 540 5.81 -0.68 4.23
N TRP A 541 4.86 0.20 3.95
CA TRP A 541 4.60 0.59 2.56
C TRP A 541 5.44 1.77 2.09
N VAL A 542 5.86 1.69 0.83
CA VAL A 542 6.61 2.75 0.18
C VAL A 542 5.96 3.00 -1.17
N PRO A 543 6.09 4.24 -1.70
CA PRO A 543 5.34 4.61 -2.90
C PRO A 543 6.14 4.49 -4.20
N SER A 544 7.45 4.23 -4.11
CA SER A 544 8.31 4.19 -5.30
C SER A 544 9.48 3.23 -5.10
N PRO A 545 10.05 2.73 -6.21
CA PRO A 545 11.25 1.89 -6.09
C PRO A 545 12.39 2.62 -5.37
N THR A 546 12.53 3.92 -5.59
CA THR A 546 13.55 4.71 -4.90
C THR A 546 13.34 4.65 -3.41
N ALA A 547 12.12 4.89 -2.96
CA ALA A 547 11.80 4.82 -1.54
C ALA A 547 11.97 3.40 -0.97
N ALA A 548 11.78 2.38 -1.81
CA ALA A 548 11.95 1.00 -1.35
C ALA A 548 13.42 0.74 -1.00
N THR A 549 14.31 1.23 -1.86
CA THR A 549 15.74 1.04 -1.69
C THR A 549 16.21 1.73 -0.42
N LEU A 550 15.67 2.92 -0.16
CA LEU A 550 16.07 3.69 1.02
C LEU A 550 15.47 3.09 2.29
N HIS A 551 14.19 2.70 2.22
CA HIS A 551 13.55 2.04 3.35
C HIS A 551 14.23 0.71 3.69
N ALA A 552 14.82 0.04 2.68
CA ALA A 552 15.55 -1.20 2.95
C ALA A 552 16.65 -1.00 3.99
N LEU A 553 17.28 0.18 4.00
CA LEU A 553 18.31 0.51 5.01
C LEU A 553 17.86 0.25 6.44
N HIS A 554 16.59 0.52 6.72
CA HIS A 554 16.05 0.37 8.07
C HIS A 554 16.09 -1.08 8.55
N TYR A 555 15.84 -2.00 7.64
CA TYR A 555 15.82 -3.43 7.97
C TYR A 555 17.22 -4.01 8.16
N HIS A 556 18.22 -3.34 7.63
CA HIS A 556 19.61 -3.70 7.93
C HIS A 556 20.01 -3.16 9.30
N GLN A 557 19.43 -2.02 9.69
CA GLN A 557 19.75 -1.39 10.96
CA GLN A 557 19.74 -1.38 10.96
C GLN A 557 18.98 -2.04 12.10
N VAL A 558 17.76 -2.49 11.81
CA VAL A 558 16.89 -3.09 12.82
C VAL A 558 16.67 -4.57 12.56
N ASP A 559 16.89 -5.38 13.58
CA ASP A 559 16.64 -6.82 13.50
C ASP A 559 15.19 -7.10 13.86
N VAL A 560 14.31 -7.09 12.86
CA VAL A 560 12.87 -7.20 13.11
C VAL A 560 12.52 -8.52 13.81
N ALA A 561 13.16 -9.61 13.42
CA ALA A 561 12.90 -10.90 14.06
C ALA A 561 13.13 -10.84 15.57
N ALA A 562 14.26 -10.25 15.97
CA ALA A 562 14.56 -10.07 17.38
C ALA A 562 13.54 -9.15 18.06
N VAL A 563 13.20 -8.04 17.41
CA VAL A 563 12.21 -7.13 17.96
C VAL A 563 10.89 -7.84 18.23
N GLN A 564 10.45 -8.65 17.27
CA GLN A 564 9.18 -9.36 17.43
C GLN A 564 9.24 -10.35 18.58
N GLN A 565 10.38 -11.01 18.72
CA GLN A 565 10.57 -11.97 19.80
C GLN A 565 10.45 -11.29 21.16
N GLY A 566 11.04 -10.11 21.27
CA GLY A 566 11.02 -9.36 22.51
C GLY A 566 9.65 -8.81 22.86
N LEU A 567 8.79 -8.63 21.86
CA LEU A 567 7.44 -8.10 22.08
C LEU A 567 6.43 -9.18 22.46
N ALA A 568 6.85 -10.45 22.34
CA ALA A 568 5.92 -11.58 22.51
C ALA A 568 5.25 -11.60 23.88
N GLY A 569 3.93 -11.76 23.89
CA GLY A 569 3.16 -11.84 25.12
C GLY A 569 2.78 -10.49 25.72
N LYS A 570 3.33 -9.41 25.18
CA LYS A 570 3.02 -8.07 25.68
C LYS A 570 1.67 -7.54 25.20
N ARG A 571 0.95 -6.87 26.09
CA ARG A 571 -0.35 -6.28 25.78
C ARG A 571 -0.24 -4.78 26.01
N ARG A 572 0.11 -4.04 24.96
CA ARG A 572 0.55 -2.65 25.10
C ARG A 572 -0.54 -1.61 24.85
N ALA A 573 -1.74 -2.07 24.50
CA ALA A 573 -2.86 -1.15 24.28
C ALA A 573 -4.12 -1.73 24.90
N THR A 574 -4.91 -0.88 25.55
CA THR A 574 -6.18 -1.32 26.13
C THR A 574 -7.31 -1.01 25.18
N ILE A 575 -8.45 -1.66 25.38
CA ILE A 575 -9.63 -1.32 24.63
C ILE A 575 -10.03 0.16 24.83
N GLU A 576 -9.85 0.69 26.06
CA GLU A 576 -10.19 2.09 26.33
C GLU A 576 -9.36 3.05 25.49
N GLN A 577 -8.08 2.76 25.36
CA GLN A 577 -7.19 3.58 24.53
C GLN A 577 -7.60 3.54 23.05
N LEU A 578 -7.96 2.35 22.56
CA LEU A 578 -8.40 2.20 21.17
C LEU A 578 -9.62 3.07 20.89
N LEU A 579 -10.49 3.16 21.90
CA LEU A 579 -11.77 3.84 21.80
C LEU A 579 -11.73 5.32 22.20
N THR A 580 -10.55 5.88 22.40
CA THR A 580 -10.44 7.29 22.78
C THR A 580 -10.65 8.21 21.57
N ILE A 581 -11.85 8.78 21.47
CA ILE A 581 -12.23 9.61 20.31
C ILE A 581 -11.37 10.90 20.21
N PRO A 582 -10.89 11.24 18.99
CA PRO A 582 -10.01 12.43 18.87
C PRO A 582 -10.77 13.77 18.88
N LEU A 583 -11.61 13.96 19.90
CA LEU A 583 -12.36 15.21 20.11
C LEU A 583 -11.41 16.36 20.48
N ALA A 584 -11.63 17.53 19.89
CA ALA A 584 -10.82 18.71 20.21
C ALA A 584 -11.18 19.19 21.62
N LYS A 585 -10.18 19.72 22.33
CA LYS A 585 -10.40 20.30 23.64
C LYS A 585 -11.12 21.64 23.49
N GLU A 586 -11.59 22.20 24.60
CA GLU A 586 -12.33 23.46 24.53
C GLU A 586 -11.40 24.60 24.11
N LEU A 587 -11.90 25.48 23.25
CA LEU A 587 -11.14 26.65 22.79
C LEU A 587 -9.78 26.30 22.16
N ALA A 588 -9.74 25.22 21.38
CA ALA A 588 -8.48 24.69 20.86
C ALA A 588 -7.77 25.61 19.86
N TRP A 589 -8.53 26.38 19.09
CA TRP A 589 -7.96 27.08 17.93
C TRP A 589 -8.31 28.57 17.86
N ALA A 590 -7.31 29.38 17.54
CA ALA A 590 -7.52 30.78 17.16
C ALA A 590 -8.27 30.84 15.83
N PRO A 591 -8.83 32.02 15.48
CA PRO A 591 -9.52 32.14 14.19
C PRO A 591 -8.60 31.94 12.98
N ASP A 592 -7.33 32.33 13.07
CA ASP A 592 -6.42 32.12 11.94
C ASP A 592 -6.10 30.64 11.75
N GLU A 593 -6.02 29.91 12.86
CA GLU A 593 -5.76 28.47 12.81
C GLU A 593 -6.93 27.73 12.17
N ILE A 594 -8.16 28.15 12.47
CA ILE A 594 -9.33 27.56 11.80
C ILE A 594 -9.22 27.73 10.29
N ARG A 595 -8.97 28.98 9.86
CA ARG A 595 -8.89 29.28 8.44
C ARG A 595 -7.77 28.51 7.73
N GLU A 596 -6.61 28.38 8.38
CA GLU A 596 -5.54 27.61 7.74
CA GLU A 596 -5.50 27.58 7.85
C GLU A 596 -5.95 26.15 7.59
N GLU A 597 -6.62 25.59 8.59
CA GLU A 597 -7.04 24.19 8.50
C GLU A 597 -8.10 24.02 7.41
N VAL A 598 -9.00 25.00 7.31
CA VAL A 598 -10.03 24.93 6.27
C VAL A 598 -9.39 24.97 4.89
N ASP A 599 -8.49 25.92 4.68
CA ASP A 599 -7.75 26.01 3.41
C ASP A 599 -6.93 24.74 3.16
N ASN A 600 -6.25 24.25 4.19
CA ASN A 600 -5.49 23.00 4.06
C ASN A 600 -6.36 21.89 3.48
N ASN A 601 -7.52 21.65 4.09
CA ASN A 601 -8.40 20.56 3.66
C ASN A 601 -9.09 20.80 2.32
N CYS A 602 -9.48 22.04 2.05
CA CYS A 602 -10.06 22.36 0.74
C CYS A 602 -9.04 22.20 -0.38
N GLN A 603 -7.80 22.60 -0.12
CA GLN A 603 -6.74 22.42 -1.13
C GLN A 603 -6.45 20.93 -1.34
N SER A 604 -6.42 20.17 -0.25
CA SER A 604 -6.16 18.72 -0.37
C SER A 604 -7.26 18.05 -1.19
N ILE A 605 -8.51 18.40 -0.92
CA ILE A 605 -9.63 17.82 -1.65
C ILE A 605 -9.56 18.21 -3.13
N LEU A 606 -9.47 19.51 -3.42
CA LEU A 606 -9.41 19.96 -4.81
C LEU A 606 -8.20 19.36 -5.56
N GLY A 607 -7.04 19.35 -4.90
CA GLY A 607 -5.82 18.87 -5.53
C GLY A 607 -5.93 17.43 -6.00
N TYR A 608 -6.55 16.59 -5.15
CA TYR A 608 -6.72 15.19 -5.49
C TYR A 608 -7.87 15.01 -6.48
N VAL A 609 -9.02 15.60 -6.18
CA VAL A 609 -10.24 15.40 -6.97
C VAL A 609 -10.10 15.85 -8.42
N VAL A 610 -9.41 16.96 -8.66
CA VAL A 610 -9.28 17.44 -10.04
C VAL A 610 -8.53 16.45 -10.94
N ARG A 611 -7.50 15.79 -10.41
CA ARG A 611 -6.82 14.77 -11.20
C ARG A 611 -7.69 13.51 -11.38
N TRP A 612 -8.44 13.17 -10.35
CA TRP A 612 -9.26 11.96 -10.36
C TRP A 612 -10.39 12.09 -11.37
N VAL A 613 -11.17 13.17 -11.24
CA VAL A 613 -12.37 13.34 -12.08
C VAL A 613 -12.03 13.66 -13.53
N ASP A 614 -11.07 14.57 -13.74
CA ASP A 614 -10.75 15.05 -15.10
C ASP A 614 -9.82 14.12 -15.88
N GLN A 615 -8.90 13.46 -15.18
CA GLN A 615 -7.90 12.65 -15.87
C GLN A 615 -7.90 11.15 -15.51
N GLY A 616 -8.76 10.75 -14.58
CA GLY A 616 -8.83 9.36 -14.17
C GLY A 616 -7.54 8.87 -13.53
N VAL A 617 -6.88 9.77 -12.81
CA VAL A 617 -5.65 9.44 -12.08
C VAL A 617 -5.98 9.38 -10.58
N GLY A 618 -5.58 8.28 -9.92
CA GLY A 618 -5.95 8.04 -8.54
C GLY A 618 -4.82 8.11 -7.53
N ALA A 619 -3.58 8.20 -8.03
CA ALA A 619 -2.42 8.45 -7.18
C ALA A 619 -1.36 9.10 -8.05
N SER A 620 -0.72 10.14 -7.52
CA SER A 620 0.29 10.88 -8.25
C SER A 620 0.96 11.81 -7.24
N LYS A 621 2.02 12.51 -7.65
CA LYS A 621 2.66 13.47 -6.74
C LYS A 621 1.88 14.78 -6.75
N VAL A 622 1.06 14.97 -5.73
CA VAL A 622 0.19 16.14 -5.65
C VAL A 622 0.75 17.14 -4.66
N PRO A 623 1.06 18.37 -5.12
CA PRO A 623 1.57 19.37 -4.17
C PRO A 623 0.48 19.75 -3.18
N ASP A 624 0.83 19.81 -1.90
CA ASP A 624 -0.13 20.24 -0.90
C ASP A 624 -0.12 21.77 -0.81
N ILE A 625 -0.73 22.33 0.23
CA ILE A 625 -0.90 23.77 0.27
C ILE A 625 0.43 24.54 0.37
N HIS A 626 1.41 23.91 1.01
CA HIS A 626 2.75 24.49 1.16
C HIS A 626 3.70 23.99 0.10
N ASP A 627 3.15 23.42 -0.98
CA ASP A 627 3.93 22.87 -2.10
C ASP A 627 4.76 21.62 -1.79
N VAL A 628 4.47 20.93 -0.69
CA VAL A 628 5.12 19.65 -0.42
C VAL A 628 4.47 18.58 -1.30
N ALA A 629 5.27 17.82 -2.06
CA ALA A 629 4.72 16.75 -2.89
C ALA A 629 4.25 15.56 -2.03
N LEU A 630 2.96 15.24 -2.13
CA LEU A 630 2.39 14.08 -1.45
C LEU A 630 1.88 13.06 -2.47
N MET A 631 2.15 11.78 -2.23
CA MET A 631 1.48 10.75 -3.01
C MET A 631 0.63 9.90 -2.08
N GLU A 632 -0.67 10.17 -2.08
CA GLU A 632 -1.59 9.49 -1.17
C GLU A 632 -2.66 8.85 -2.02
N ASP A 633 -3.23 7.73 -1.57
CA ASP A 633 -4.41 7.21 -2.26
C ASP A 633 -5.68 7.94 -1.81
N ARG A 634 -6.82 7.43 -2.26
CA ARG A 634 -8.12 8.10 -2.08
C ARG A 634 -8.48 8.33 -0.61
N ALA A 635 -7.85 7.59 0.30
CA ALA A 635 -8.16 7.78 1.72
C ALA A 635 -7.88 9.19 2.23
N THR A 636 -6.92 9.88 1.61
CA THR A 636 -6.67 11.26 2.03
C THR A 636 -7.91 12.11 1.79
N LEU A 637 -8.66 11.78 0.75
CA LEU A 637 -9.90 12.50 0.44
C LEU A 637 -10.97 12.17 1.48
N ARG A 638 -11.01 10.91 1.91
CA ARG A 638 -11.93 10.49 2.97
C ARG A 638 -11.69 11.32 4.23
N ILE A 639 -10.43 11.44 4.65
CA ILE A 639 -10.11 12.21 5.85
C ILE A 639 -10.56 13.68 5.75
N SER A 640 -10.09 14.38 4.71
CA SER A 640 -10.34 15.82 4.60
C SER A 640 -11.83 16.16 4.47
N SER A 641 -12.56 15.39 3.65
CA SER A 641 -13.97 15.67 3.46
C SER A 641 -14.74 15.40 4.75
N GLN A 642 -14.37 14.35 5.48
CA GLN A 642 -15.04 14.03 6.74
C GLN A 642 -14.74 15.08 7.84
N LEU A 643 -13.50 15.55 7.87
CA LEU A 643 -13.09 16.52 8.87
C LEU A 643 -13.85 17.83 8.66
N LEU A 644 -13.92 18.28 7.41
CA LEU A 644 -14.67 19.50 7.10
C LEU A 644 -16.16 19.31 7.37
N ALA A 645 -16.70 18.15 7.01
CA ALA A 645 -18.10 17.85 7.32
C ALA A 645 -18.30 17.88 8.84
N ASN A 646 -17.31 17.36 9.56
CA ASN A 646 -17.36 17.38 11.02
C ASN A 646 -17.32 18.79 11.61
N TRP A 647 -16.46 19.63 11.07
CA TRP A 647 -16.41 21.01 11.53
C TRP A 647 -17.69 21.77 11.17
N LEU A 648 -18.23 21.51 9.98
CA LEU A 648 -19.46 22.15 9.56
C LEU A 648 -20.62 21.70 10.44
N ARG A 649 -20.64 20.40 10.76
CA ARG A 649 -21.72 19.81 11.57
C ARG A 649 -21.80 20.42 12.96
N HIS A 650 -20.65 20.81 13.51
CA HIS A 650 -20.60 21.27 14.89
C HIS A 650 -20.35 22.77 15.06
N GLY A 651 -20.49 23.54 13.99
CA GLY A 651 -20.45 24.98 14.11
C GLY A 651 -19.09 25.62 14.23
N VAL A 652 -18.03 24.87 13.90
CA VAL A 652 -16.69 25.45 13.93
C VAL A 652 -16.53 26.46 12.79
N ILE A 653 -17.12 26.11 11.64
CA ILE A 653 -17.06 26.92 10.43
C ILE A 653 -18.47 27.00 9.84
N THR A 654 -18.67 27.90 8.87
CA THR A 654 -19.97 28.06 8.24
C THR A 654 -19.89 27.59 6.80
N SER A 655 -21.04 27.42 6.15
CA SER A 655 -21.03 27.03 4.74
C SER A 655 -20.37 28.09 3.86
N ALA A 656 -20.38 29.34 4.31
CA ALA A 656 -19.75 30.42 3.55
C ALA A 656 -18.22 30.31 3.67
N ASP A 657 -17.74 29.90 4.84
CA ASP A 657 -16.31 29.67 5.04
C ASP A 657 -15.80 28.62 4.06
N VAL A 658 -16.57 27.54 3.91
CA VAL A 658 -16.21 26.45 3.02
C VAL A 658 -16.16 26.90 1.56
N ARG A 659 -17.22 27.55 1.12
CA ARG A 659 -17.30 28.03 -0.26
C ARG A 659 -16.16 29.02 -0.54
N ALA A 660 -15.92 29.93 0.40
CA ALA A 660 -14.84 30.91 0.27
C ALA A 660 -13.48 30.22 0.15
N SER A 661 -13.24 29.21 0.99
CA SER A 661 -11.98 28.50 0.91
C SER A 661 -11.83 27.71 -0.40
N LEU A 662 -12.89 27.02 -0.82
CA LEU A 662 -12.86 26.30 -2.11
C LEU A 662 -12.54 27.26 -3.27
N GLU A 663 -13.17 28.43 -3.26
CA GLU A 663 -12.96 29.41 -4.33
C GLU A 663 -11.54 29.98 -4.26
N ARG A 664 -11.01 30.09 -3.05
CA ARG A 664 -9.66 30.60 -2.82
C ARG A 664 -8.62 29.56 -3.26
N MET A 665 -8.88 28.29 -2.97
CA MET A 665 -7.89 27.25 -3.21
C MET A 665 -7.85 26.77 -4.66
N ALA A 666 -8.98 26.84 -5.35
CA ALA A 666 -9.06 26.40 -6.75
C ALA A 666 -8.01 27.04 -7.69
N PRO A 667 -7.87 28.37 -7.70
CA PRO A 667 -6.85 28.95 -8.60
C PRO A 667 -5.45 28.48 -8.24
N LEU A 668 -5.18 28.31 -6.94
CA LEU A 668 -3.89 27.81 -6.49
C LEU A 668 -3.63 26.40 -7.06
N VAL A 669 -4.62 25.52 -6.94
CA VAL A 669 -4.52 24.17 -7.51
C VAL A 669 -4.31 24.24 -9.03
N ASP A 670 -5.04 25.14 -9.68
CA ASP A 670 -4.89 25.38 -11.12
C ASP A 670 -3.42 25.67 -11.45
N ARG A 671 -2.86 26.63 -10.73
CA ARG A 671 -1.45 27.03 -10.89
C ARG A 671 -0.50 25.85 -10.66
N GLN A 672 -0.75 25.06 -9.62
CA GLN A 672 0.07 23.88 -9.31
C GLN A 672 0.05 22.82 -10.41
N ASN A 673 -0.91 22.93 -11.32
CA ASN A 673 -1.00 21.99 -12.42
C ASN A 673 -0.62 22.61 -13.77
N ALA A 674 0.06 23.76 -13.71
CA ALA A 674 0.49 24.50 -14.90
C ALA A 674 1.35 23.65 -15.86
N GLY A 675 2.16 22.75 -15.29
CA GLY A 675 2.99 21.89 -16.12
C GLY A 675 2.31 20.64 -16.65
N ASP A 676 1.06 20.78 -17.12
CA ASP A 676 0.27 19.63 -17.53
C ASP A 676 -0.62 19.90 -18.74
N VAL A 677 -0.26 19.29 -19.87
CA VAL A 677 -0.91 19.54 -21.15
C VAL A 677 -2.42 19.29 -21.14
N ALA A 678 -2.87 18.35 -20.30
CA ALA A 678 -4.26 17.91 -20.34
C ALA A 678 -5.12 18.60 -19.28
N TYR A 679 -4.47 19.39 -18.42
CA TYR A 679 -5.18 20.09 -17.36
C TYR A 679 -6.11 21.17 -17.92
N ARG A 680 -7.24 21.34 -17.26
CA ARG A 680 -8.15 22.44 -17.54
C ARG A 680 -8.57 23.05 -16.22
N PRO A 681 -8.48 24.38 -16.12
CA PRO A 681 -8.62 25.02 -14.80
C PRO A 681 -10.06 25.01 -14.29
N MET A 682 -10.20 25.01 -12.97
CA MET A 682 -11.51 25.02 -12.34
C MET A 682 -12.02 26.45 -12.25
N ALA A 683 -11.10 27.36 -11.93
CA ALA A 683 -11.40 28.79 -11.84
C ALA A 683 -11.42 29.46 -13.22
N PRO A 684 -12.28 30.48 -13.40
CA PRO A 684 -13.24 30.99 -12.40
C PRO A 684 -14.64 30.45 -12.62
N ASN A 685 -14.86 29.67 -13.67
CA ASN A 685 -16.20 29.11 -13.94
C ASN A 685 -16.48 27.87 -13.09
N PHE A 686 -16.54 28.06 -11.78
CA PHE A 686 -16.62 26.96 -10.81
C PHE A 686 -17.75 25.98 -11.11
N ASP A 687 -18.94 26.49 -11.39
CA ASP A 687 -20.09 25.64 -11.61
C ASP A 687 -20.05 24.86 -12.94
N ASP A 688 -19.07 25.17 -13.78
CA ASP A 688 -18.90 24.45 -15.05
C ASP A 688 -17.87 23.32 -14.90
N SER A 689 -17.20 23.31 -13.76
CA SER A 689 -16.18 22.30 -13.46
C SER A 689 -16.80 21.15 -12.66
N ILE A 690 -16.93 19.99 -13.30
CA ILE A 690 -17.45 18.80 -12.60
C ILE A 690 -16.57 18.43 -11.41
N ALA A 691 -15.25 18.63 -11.55
CA ALA A 691 -14.32 18.34 -10.46
C ALA A 691 -14.57 19.27 -9.26
N PHE A 692 -14.72 20.56 -9.52
CA PHE A 692 -15.05 21.50 -8.45
C PHE A 692 -16.35 21.13 -7.75
N LEU A 693 -17.39 20.81 -8.53
CA LEU A 693 -18.67 20.39 -7.95
C LEU A 693 -18.55 19.08 -7.18
N ALA A 694 -17.64 18.21 -7.61
CA ALA A 694 -17.39 16.96 -6.91
C ALA A 694 -16.79 17.28 -5.54
N ALA A 695 -15.78 18.15 -5.52
CA ALA A 695 -15.14 18.56 -4.27
C ALA A 695 -16.16 19.15 -3.29
N GLN A 696 -17.02 20.03 -3.81
CA GLN A 696 -18.06 20.64 -3.00
C GLN A 696 -19.02 19.58 -2.45
N GLU A 697 -19.44 18.66 -3.32
CA GLU A 697 -20.40 17.64 -2.92
C GLU A 697 -19.82 16.73 -1.85
N LEU A 698 -18.53 16.41 -1.96
CA LEU A 698 -17.89 15.55 -0.97
C LEU A 698 -17.94 16.17 0.42
N ILE A 699 -17.82 17.49 0.49
CA ILE A 699 -17.89 18.15 1.80
C ILE A 699 -19.33 18.27 2.30
N LEU A 700 -20.22 18.79 1.46
CA LEU A 700 -21.56 19.13 1.92
C LEU A 700 -22.44 17.90 2.12
N SER A 701 -22.14 16.83 1.40
CA SER A 701 -22.83 15.56 1.62
C SER A 701 -22.01 14.57 2.41
N GLY A 702 -20.79 14.96 2.80
CA GLY A 702 -19.89 14.09 3.54
C GLY A 702 -20.52 13.35 4.71
N ALA A 703 -21.20 14.08 5.60
CA ALA A 703 -21.78 13.44 6.77
C ALA A 703 -22.77 12.32 6.41
N GLN A 704 -23.38 12.41 5.22
CA GLN A 704 -24.38 11.43 4.78
C GLN A 704 -23.83 10.23 4.01
N GLN A 705 -22.54 10.21 3.71
CA GLN A 705 -22.00 9.07 2.95
C GLN A 705 -21.78 7.89 3.89
N PRO A 706 -22.01 6.66 3.40
CA PRO A 706 -21.88 5.49 4.26
C PRO A 706 -20.43 5.33 4.75
N ASN A 707 -20.24 5.41 6.07
CA ASN A 707 -18.91 5.38 6.67
C ASN A 707 -17.95 6.43 6.11
N GLY A 708 -18.52 7.50 5.55
CA GLY A 708 -17.72 8.59 5.02
C GLY A 708 -17.03 8.26 3.71
N TYR A 709 -17.40 7.13 3.09
CA TYR A 709 -16.75 6.70 1.84
C TYR A 709 -16.97 7.71 0.70
N THR A 710 -15.91 7.95 -0.08
CA THR A 710 -15.93 8.95 -1.14
C THR A 710 -16.32 8.37 -2.50
N GLU A 711 -16.24 7.05 -2.66
CA GLU A 711 -16.47 6.45 -3.98
C GLU A 711 -17.83 6.70 -4.64
N PRO A 712 -18.94 6.62 -3.86
CA PRO A 712 -20.21 6.82 -4.57
C PRO A 712 -20.28 8.16 -5.29
N ILE A 713 -19.84 9.24 -4.63
CA ILE A 713 -19.84 10.54 -5.28
C ILE A 713 -18.76 10.64 -6.35
N LEU A 714 -17.55 10.17 -6.04
CA LEU A 714 -16.43 10.30 -6.96
C LEU A 714 -16.69 9.54 -8.24
N HIS A 715 -17.20 8.30 -8.12
CA HIS A 715 -17.46 7.48 -9.30
C HIS A 715 -18.54 8.12 -10.18
N ARG A 716 -19.59 8.61 -9.56
CA ARG A 716 -20.66 9.28 -10.30
C ARG A 716 -20.10 10.47 -11.08
N ARG A 717 -19.32 11.32 -10.40
CA ARG A 717 -18.74 12.50 -11.05
C ARG A 717 -17.78 12.18 -12.17
N ARG A 718 -16.95 11.14 -11.97
CA ARG A 718 -16.01 10.73 -13.03
C ARG A 718 -16.78 10.21 -14.23
N ARG A 719 -17.86 9.48 -13.97
CA ARG A 719 -18.72 8.98 -15.05
C ARG A 719 -19.38 10.14 -15.78
N GLU A 720 -19.87 11.12 -15.01
CA GLU A 720 -20.41 12.34 -15.59
C GLU A 720 -19.36 13.03 -16.47
N PHE A 721 -18.13 13.13 -15.97
CA PHE A 721 -17.08 13.77 -16.75
C PHE A 721 -16.84 13.02 -18.06
N LYS A 722 -16.74 11.69 -17.98
CA LYS A 722 -16.50 10.87 -19.16
C LYS A 722 -17.60 11.08 -20.21
N ALA A 723 -18.84 11.14 -19.73
CA ALA A 723 -20.00 11.23 -20.61
C ALA A 723 -20.03 12.58 -21.32
N ARG A 724 -19.70 13.64 -20.58
CA ARG A 724 -19.59 14.97 -21.17
C ARG A 724 -18.48 14.99 -22.21
N ALA A 725 -17.34 14.38 -21.90
CA ALA A 725 -16.22 14.34 -22.84
C ALA A 725 -16.54 13.57 -24.13
N ALA A 726 -17.53 12.69 -24.08
CA ALA A 726 -17.93 11.89 -25.25
C ALA A 726 -18.63 12.71 -26.35
N GLU A 727 -19.38 13.73 -25.95
CA GLU A 727 -20.07 14.62 -26.88
C GLU A 727 -19.10 15.25 -27.87
MG MG B . -6.96 2.43 2.60
MG MG C . 22.14 -7.33 13.21
MG MG D . -5.76 20.16 16.82
C13 4Z0 E . 0.38 5.25 -3.37
O01 4Z0 E . -1.44 6.33 0.42
C02 4Z0 E . -1.41 5.21 -0.03
O03 4Z0 E . -1.58 4.13 0.79
C04 4Z0 E . -2.42 4.23 1.96
C05 4Z0 E . -2.79 2.83 2.44
C06 4Z0 E . -4.26 2.69 2.73
C07 4Z0 E . -4.83 3.55 3.89
O08 4Z0 E . -6.06 3.69 3.90
O09 4Z0 E . -3.96 4.04 4.68
O10 4Z0 E . -4.98 1.99 2.05
C11 4Z0 E . -0.82 4.94 -1.36
C12 4Z0 E . -0.06 5.81 -2.11
C14 4Z0 E . -0.05 3.96 -3.53
S15 4Z0 E . -0.97 3.41 -2.18
#